data_1H3N
#
_entry.id   1H3N
#
_cell.length_a   102.410
_cell.length_b   155.590
_cell.length_c   176.300
_cell.angle_alpha   90.00
_cell.angle_beta   90.00
_cell.angle_gamma   90.00
#
_symmetry.space_group_name_H-M   'C 2 2 21'
#
loop_
_entity.id
_entity.type
_entity.pdbx_description
1 polymer 'LEUCYL-TRNA SYNTHETASE'
2 non-polymer LEUCINE
3 non-polymer '[(2R,3S,4R,5R)-5-(6-AMINO-9H-PURIN-9-YL)-3,4-DIHYDROXYTETRAHYDRO-2-FURANYL]METHYL SULFAMATE'
4 non-polymer 'ZINC ION'
5 non-polymer 'SULFATE ION'
6 water water
#
_entity_poly.entity_id   1
_entity_poly.type   'polypeptide(L)'
_entity_poly.pdbx_seq_one_letter_code
;MEKYNPHAIEAKWQRFWEEKGFMKAKDLPGGRGKQYVLVMFPYPSGDLHMGHLKNYTMGDVLARFRRMQGYEVLHPMGWD
AFGLPAENAALKFGVHPKDWTYANIRQAKESLRLMGILYDWDREVTTCEPEYYRWNQWIFLKMWEKGLAYRAKGLVNWCP
KCQTVLANEQVVEGRCWRHEDTPVEKRELEQWYLRITAYAERLLKDLEGLNWPEKVKAMQRAWIGRSEGAEILFPVEGKE
VRIPVFTTRPDTLFGATFLVLAPEHPLTLELAAPEKREEVLAYVEAAKRKTEIERQAEGREKTGVFLGAYALNPATGERI
PIWTADYVLFGYGTGAIMAVPAHDQRDYEFARKFGLPIKKVIERPGEPLPEPLERAYEEPGIMVNSGPFDGTESEEGKRK
VIAWLEEKGLGKGRVTYRLRDWLISRQRYWGTPIPMVHCEACGVVPVPEEELPVLLPDLKDVEDIRPKGKSPLEAHPEFY
ETTCPKCGGPAKRDTDTMDTFFDSSWYYLRYTDPHNDRLPFDPEKANAWMPVDQYIGGVEHAVLHLLYSRFFTKFLHDLG
MVKVEEPFQGLFTQGMVLAWTDFGPVEVEGSVVRLPEPTRIRLEIPESALSLEDVRKMGAELRPHEDGTLHLWKPAVMSK
SKGNGVMVGPFVKEQGADIARITILFAAPPENEMVWTEEGVQGAWRFLNRIYRRVAEDREALLETSGVFQAEALEGKDRE
LYGKLHETLKKVTEDLEALRFNTAIAALMEFLNALYEYRKDRPVTPVYRTAIRYYLQMLFPFAPHLAEELWHWFWPDSLF
EAGWPELDEKALEKDVVEVAVQVNGRVRGTIHIPKDAPLEVARAEALKVRNVRAHLEGKEVVKEIYVPGKILNLVVRG
;
_entity_poly.pdbx_strand_id   A
#
# COMPACT_ATOMS: atom_id res chain seq x y z
N MET A 1 -46.76 20.96 7.20
CA MET A 1 -45.45 20.95 7.91
C MET A 1 -44.31 20.82 6.89
N GLU A 2 -43.30 21.68 7.02
CA GLU A 2 -42.18 21.66 6.09
C GLU A 2 -41.36 20.37 6.21
N LYS A 3 -40.55 20.11 5.21
CA LYS A 3 -39.72 18.91 5.20
C LYS A 3 -38.23 19.22 5.11
N TYR A 4 -37.42 18.22 5.42
CA TYR A 4 -35.96 18.34 5.39
C TYR A 4 -35.51 18.91 4.05
N ASN A 5 -34.69 19.95 4.10
CA ASN A 5 -34.17 20.58 2.88
C ASN A 5 -32.68 20.82 3.10
N PRO A 6 -31.82 20.01 2.47
CA PRO A 6 -30.37 20.12 2.60
C PRO A 6 -29.77 21.39 1.99
N HIS A 7 -30.49 21.98 1.05
CA HIS A 7 -30.00 23.19 0.39
C HIS A 7 -29.87 24.35 1.38
N ALA A 8 -28.79 25.10 1.22
CA ALA A 8 -28.51 26.26 2.06
C ALA A 8 -27.96 25.93 3.46
N ILE A 9 -28.61 25.03 4.20
CA ILE A 9 -28.12 24.74 5.54
C ILE A 9 -26.71 24.15 5.57
N GLU A 10 -26.37 23.31 4.60
CA GLU A 10 -25.04 22.69 4.59
C GLU A 10 -23.93 23.72 4.37
N ALA A 11 -24.12 24.64 3.42
CA ALA A 11 -23.11 25.68 3.17
C ALA A 11 -22.94 26.53 4.43
N LYS A 12 -24.05 26.82 5.10
CA LYS A 12 -24.03 27.62 6.32
C LYS A 12 -23.19 26.99 7.42
N TRP A 13 -23.42 25.71 7.72
CA TRP A 13 -22.66 25.05 8.77
C TRP A 13 -21.21 24.78 8.39
N GLN A 14 -20.96 24.53 7.11
CA GLN A 14 -19.59 24.29 6.67
C GLN A 14 -18.72 25.51 6.97
N ARG A 15 -19.23 26.71 6.69
CA ARG A 15 -18.46 27.93 6.95
C ARG A 15 -18.31 28.14 8.44
N PHE A 16 -19.38 27.87 9.19
CA PHE A 16 -19.39 28.01 10.64
C PHE A 16 -18.29 27.17 11.29
N TRP A 17 -18.24 25.89 10.92
CA TRP A 17 -17.23 24.99 11.50
C TRP A 17 -15.81 25.45 11.17
N GLU A 18 -15.61 25.93 9.96
CA GLU A 18 -14.28 26.37 9.55
C GLU A 18 -13.88 27.62 10.33
N GLU A 19 -14.77 28.60 10.41
CA GLU A 19 -14.51 29.86 11.11
C GLU A 19 -14.20 29.63 12.58
N LYS A 20 -14.92 28.70 13.19
CA LYS A 20 -14.73 28.38 14.60
C LYS A 20 -13.45 27.62 14.85
N GLY A 21 -12.92 26.97 13.81
CA GLY A 21 -11.69 26.21 13.95
C GLY A 21 -11.78 25.03 14.90
N PHE A 22 -12.96 24.41 14.98
CA PHE A 22 -13.16 23.26 15.85
C PHE A 22 -12.18 22.11 15.63
N MET A 23 -11.75 21.93 14.38
CA MET A 23 -10.83 20.85 14.08
C MET A 23 -9.36 21.25 13.98
N LYS A 24 -9.04 22.41 14.55
CA LYS A 24 -7.65 22.85 14.55
C LYS A 24 -6.95 22.02 15.61
N ALA A 25 -5.76 21.51 15.32
CA ALA A 25 -5.01 20.69 16.28
C ALA A 25 -3.91 21.47 16.99
N LYS A 26 -3.76 21.20 18.29
CA LYS A 26 -2.75 21.85 19.11
C LYS A 26 -1.34 21.43 18.70
N ASP A 27 -0.38 22.34 18.84
CA ASP A 27 1.00 22.02 18.50
C ASP A 27 1.44 20.85 19.37
N LEU A 28 1.05 20.89 20.65
CA LEU A 28 1.38 19.82 21.60
C LEU A 28 0.12 19.47 22.40
N PRO A 29 -0.36 18.22 22.27
CA PRO A 29 -1.56 17.71 22.95
C PRO A 29 -1.59 17.86 24.47
N GLY A 30 -2.51 18.71 24.93
CA GLY A 30 -2.65 18.93 26.36
C GLY A 30 -2.90 17.61 27.04
N GLY A 31 -2.50 17.50 28.30
CA GLY A 31 -2.69 16.25 29.01
C GLY A 31 -4.16 15.90 29.23
N ARG A 32 -4.82 15.43 28.17
CA ARG A 32 -6.22 15.04 28.24
C ARG A 32 -6.42 13.82 27.31
N GLY A 33 -5.44 13.60 26.45
CA GLY A 33 -5.51 12.49 25.52
C GLY A 33 -5.55 12.99 24.09
N LYS A 34 -4.91 12.25 23.19
CA LYS A 34 -4.88 12.66 21.79
C LYS A 34 -5.29 11.51 20.88
N GLN A 35 -5.73 11.86 19.68
CA GLN A 35 -6.13 10.87 18.69
C GLN A 35 -5.64 11.39 17.34
N TYR A 36 -4.78 10.62 16.69
CA TYR A 36 -4.26 10.98 15.39
C TYR A 36 -5.05 10.13 14.41
N VAL A 37 -5.96 10.78 13.67
CA VAL A 37 -6.80 10.09 12.70
C VAL A 37 -6.31 10.49 11.32
N LEU A 38 -5.75 9.52 10.61
CA LEU A 38 -5.18 9.77 9.30
C LEU A 38 -5.79 8.97 8.16
N VAL A 39 -6.01 9.66 7.03
CA VAL A 39 -6.53 9.00 5.84
C VAL A 39 -5.40 9.20 4.82
N MET A 40 -5.22 8.23 3.92
CA MET A 40 -4.19 8.33 2.90
C MET A 40 -4.41 9.51 1.96
N PHE A 41 -3.50 10.48 1.96
CA PHE A 41 -3.67 11.64 1.09
C PHE A 41 -3.64 11.23 -0.37
N PRO A 42 -4.49 11.88 -1.19
CA PRO A 42 -4.60 11.58 -2.62
C PRO A 42 -3.59 12.15 -3.59
N TYR A 43 -3.49 11.48 -4.73
CA TYR A 43 -2.64 11.92 -5.82
C TYR A 43 -3.55 12.93 -6.53
N PRO A 44 -3.09 14.18 -6.72
CA PRO A 44 -3.93 15.17 -7.40
C PRO A 44 -3.85 14.99 -8.91
N SER A 45 -4.27 13.82 -9.37
CA SER A 45 -4.23 13.46 -10.78
C SER A 45 -5.61 13.45 -11.44
N GLY A 46 -6.62 13.93 -10.72
CA GLY A 46 -7.96 13.96 -11.29
C GLY A 46 -9.01 14.38 -10.28
N ASP A 47 -10.27 14.30 -10.67
CA ASP A 47 -11.38 14.68 -9.80
C ASP A 47 -11.64 13.59 -8.77
N LEU A 48 -12.01 14.00 -7.55
CA LEU A 48 -12.32 13.04 -6.51
C LEU A 48 -13.76 12.57 -6.73
N HIS A 49 -14.03 11.31 -6.41
CA HIS A 49 -15.38 10.77 -6.58
C HIS A 49 -15.82 10.13 -5.26
N MET A 50 -17.03 9.57 -5.23
CA MET A 50 -17.55 8.97 -4.01
C MET A 50 -16.67 7.84 -3.46
N GLY A 51 -15.77 7.32 -4.30
CA GLY A 51 -14.87 6.27 -3.85
C GLY A 51 -13.89 6.90 -2.87
N HIS A 52 -13.27 7.99 -3.29
CA HIS A 52 -12.34 8.72 -2.41
C HIS A 52 -13.08 9.18 -1.17
N LEU A 53 -14.28 9.71 -1.38
CA LEU A 53 -15.07 10.23 -0.27
C LEU A 53 -15.48 9.17 0.76
N LYS A 54 -15.54 7.89 0.37
CA LYS A 54 -15.87 6.88 1.38
C LYS A 54 -14.70 6.89 2.37
N ASN A 55 -13.49 6.82 1.82
CA ASN A 55 -12.26 6.82 2.61
C ASN A 55 -12.17 8.07 3.49
N TYR A 56 -12.45 9.24 2.91
CA TYR A 56 -12.33 10.48 3.65
C TYR A 56 -13.50 10.79 4.58
N THR A 57 -14.69 10.30 4.24
CA THR A 57 -15.84 10.49 5.12
C THR A 57 -15.62 9.64 6.37
N MET A 58 -15.04 8.46 6.20
CA MET A 58 -14.76 7.56 7.33
C MET A 58 -13.84 8.26 8.31
N GLY A 59 -12.85 8.98 7.78
CA GLY A 59 -11.93 9.70 8.64
C GLY A 59 -12.63 10.82 9.40
N ASP A 60 -13.51 11.54 8.72
CA ASP A 60 -14.25 12.65 9.33
C ASP A 60 -15.17 12.17 10.44
N VAL A 61 -15.79 11.01 10.24
CA VAL A 61 -16.69 10.47 11.25
C VAL A 61 -15.93 10.21 12.54
N LEU A 62 -14.80 9.54 12.43
CA LEU A 62 -13.98 9.21 13.59
C LEU A 62 -13.43 10.48 14.24
N ALA A 63 -12.96 11.40 13.41
CA ALA A 63 -12.39 12.65 13.91
C ALA A 63 -13.40 13.45 14.71
N ARG A 64 -14.61 13.62 14.18
CA ARG A 64 -15.67 14.35 14.87
C ARG A 64 -16.01 13.68 16.20
N PHE A 65 -16.19 12.36 16.15
CA PHE A 65 -16.52 11.57 17.34
C PHE A 65 -15.45 11.76 18.43
N ARG A 66 -14.18 11.55 18.06
CA ARG A 66 -13.09 11.71 19.04
C ARG A 66 -13.01 13.13 19.58
N ARG A 67 -13.25 14.12 18.72
CA ARG A 67 -13.20 15.51 19.14
C ARG A 67 -14.31 15.78 20.16
N MET A 68 -15.49 15.21 19.91
CA MET A 68 -16.62 15.38 20.81
C MET A 68 -16.35 14.76 22.18
N GLN A 69 -15.57 13.67 22.21
CA GLN A 69 -15.24 13.00 23.47
C GLN A 69 -14.22 13.76 24.30
N GLY A 70 -13.64 14.81 23.73
CA GLY A 70 -12.66 15.61 24.47
C GLY A 70 -11.19 15.40 24.08
N TYR A 71 -10.92 14.49 23.16
CA TYR A 71 -9.54 14.25 22.73
C TYR A 71 -8.99 15.39 21.89
N GLU A 72 -7.67 15.60 21.95
CA GLU A 72 -7.05 16.61 21.10
C GLU A 72 -6.93 15.82 19.79
N VAL A 73 -7.58 16.28 18.72
CA VAL A 73 -7.56 15.52 17.46
C VAL A 73 -6.77 16.11 16.30
N LEU A 74 -5.91 15.29 15.71
CA LEU A 74 -5.13 15.67 14.55
C LEU A 74 -5.73 14.88 13.40
N HIS A 75 -6.35 15.58 12.46
CA HIS A 75 -7.01 14.99 11.30
C HIS A 75 -6.59 15.90 10.14
N PRO A 76 -5.45 15.61 9.52
CA PRO A 76 -4.90 16.40 8.40
C PRO A 76 -5.15 15.89 6.98
N MET A 77 -4.98 16.80 6.03
CA MET A 77 -5.13 16.48 4.62
C MET A 77 -3.97 17.17 3.89
N GLY A 78 -3.54 16.58 2.79
CA GLY A 78 -2.44 17.13 2.03
C GLY A 78 -2.41 16.57 0.62
N TRP A 79 -1.40 16.91 -0.16
CA TRP A 79 -1.35 16.45 -1.54
C TRP A 79 -0.07 15.71 -1.93
N ASP A 80 -0.24 14.47 -2.37
CA ASP A 80 0.84 13.60 -2.83
C ASP A 80 1.01 14.06 -4.26
N ALA A 81 1.55 15.26 -4.42
CA ALA A 81 1.67 15.93 -5.71
C ALA A 81 2.87 15.68 -6.62
N PHE A 82 3.84 14.89 -6.18
CA PHE A 82 5.02 14.61 -7.00
C PHE A 82 4.95 13.21 -7.61
N GLY A 83 5.87 12.93 -8.52
CA GLY A 83 5.92 11.61 -9.14
C GLY A 83 5.02 11.33 -10.33
N LEU A 84 4.99 10.05 -10.68
CA LEU A 84 4.24 9.53 -11.81
C LEU A 84 2.75 9.88 -11.89
N PRO A 85 2.00 9.65 -10.79
CA PRO A 85 0.58 9.97 -10.82
C PRO A 85 0.25 11.35 -11.38
N ALA A 86 0.76 12.39 -10.73
CA ALA A 86 0.53 13.77 -11.14
C ALA A 86 1.04 14.09 -12.55
N GLU A 87 2.29 13.73 -12.83
CA GLU A 87 2.89 14.01 -14.13
C GLU A 87 2.28 13.22 -15.28
N ASN A 88 1.96 11.95 -15.06
CA ASN A 88 1.36 11.14 -16.11
C ASN A 88 0.00 11.70 -16.53
N ALA A 89 -0.78 12.17 -15.55
CA ALA A 89 -2.10 12.72 -15.81
C ALA A 89 -2.00 14.06 -16.53
N ALA A 90 -1.08 14.92 -16.06
CA ALA A 90 -0.89 16.23 -16.66
C ALA A 90 -0.44 16.10 -18.12
N LEU A 91 0.50 15.20 -18.35
CA LEU A 91 1.03 14.97 -19.70
C LEU A 91 0.03 14.35 -20.66
N LYS A 92 -0.90 13.54 -20.15
CA LYS A 92 -1.89 12.91 -21.02
C LYS A 92 -2.73 13.97 -21.74
N PHE A 93 -2.98 15.08 -21.07
CA PHE A 93 -3.77 16.16 -21.65
C PHE A 93 -2.89 17.34 -22.07
N GLY A 94 -1.61 17.06 -22.30
CA GLY A 94 -0.68 18.08 -22.72
C GLY A 94 -0.62 19.30 -21.81
N VAL A 95 -0.80 19.10 -20.52
CA VAL A 95 -0.77 20.20 -19.56
C VAL A 95 0.50 20.18 -18.71
N HIS A 96 0.96 21.36 -18.30
CA HIS A 96 2.13 21.47 -17.46
C HIS A 96 1.81 20.88 -16.08
N PRO A 97 2.71 20.05 -15.52
CA PRO A 97 2.49 19.42 -14.21
C PRO A 97 2.15 20.38 -13.07
N LYS A 98 2.87 21.49 -12.96
CA LYS A 98 2.60 22.44 -11.89
C LYS A 98 1.20 23.06 -11.98
N ASP A 99 0.79 23.44 -13.18
CA ASP A 99 -0.53 24.04 -13.39
C ASP A 99 -1.62 23.00 -13.10
N TRP A 100 -1.48 21.84 -13.71
CA TRP A 100 -2.43 20.76 -13.55
C TRP A 100 -2.63 20.36 -12.09
N THR A 101 -1.53 20.25 -11.36
CA THR A 101 -1.57 19.85 -9.96
C THR A 101 -2.37 20.81 -9.09
N TYR A 102 -2.04 22.10 -9.13
CA TYR A 102 -2.74 23.08 -8.33
C TYR A 102 -4.21 23.28 -8.70
N ALA A 103 -4.54 23.09 -9.98
CA ALA A 103 -5.92 23.24 -10.40
C ALA A 103 -6.68 22.04 -9.83
N ASN A 104 -6.02 20.88 -9.80
CA ASN A 104 -6.64 19.68 -9.27
C ASN A 104 -6.80 19.78 -7.76
N ILE A 105 -5.82 20.38 -7.10
CA ILE A 105 -5.85 20.57 -5.66
C ILE A 105 -7.04 21.46 -5.26
N ARG A 106 -7.25 22.54 -6.02
CA ARG A 106 -8.34 23.49 -5.78
C ARG A 106 -9.67 22.75 -5.84
N GLN A 107 -9.83 21.89 -6.84
CA GLN A 107 -11.06 21.11 -7.01
C GLN A 107 -11.27 20.10 -5.89
N ALA A 108 -10.19 19.41 -5.48
CA ALA A 108 -10.28 18.42 -4.42
C ALA A 108 -10.74 19.05 -3.11
N LYS A 109 -10.20 20.24 -2.81
CA LYS A 109 -10.55 20.96 -1.59
C LYS A 109 -12.03 21.27 -1.56
N GLU A 110 -12.57 21.69 -2.70
CA GLU A 110 -13.98 22.02 -2.76
C GLU A 110 -14.82 20.77 -2.50
N SER A 111 -14.44 19.65 -3.13
CA SER A 111 -15.16 18.39 -2.96
C SER A 111 -15.19 17.95 -1.50
N LEU A 112 -14.06 18.14 -0.81
CA LEU A 112 -13.97 17.75 0.59
C LEU A 112 -14.80 18.69 1.45
N ARG A 113 -14.69 19.99 1.19
CA ARG A 113 -15.45 20.98 1.96
C ARG A 113 -16.95 20.84 1.76
N LEU A 114 -17.37 20.51 0.54
CA LEU A 114 -18.79 20.36 0.23
C LEU A 114 -19.43 19.14 0.86
N MET A 115 -18.61 18.20 1.34
CA MET A 115 -19.12 17.00 1.99
C MET A 115 -19.13 17.17 3.49
N GLY A 116 -18.76 18.36 3.95
CA GLY A 116 -18.75 18.61 5.38
C GLY A 116 -17.56 18.00 6.10
N ILE A 117 -16.52 17.65 5.35
CA ILE A 117 -15.33 17.08 5.96
C ILE A 117 -14.46 18.23 6.49
N LEU A 118 -13.97 18.08 7.72
CA LEU A 118 -13.17 19.11 8.36
C LEU A 118 -11.75 18.64 8.70
N TYR A 119 -10.76 19.38 8.22
CA TYR A 119 -9.34 19.07 8.46
C TYR A 119 -8.70 20.30 9.08
N ASP A 120 -7.49 20.11 9.63
CA ASP A 120 -6.74 21.23 10.17
C ASP A 120 -5.92 21.67 8.96
N TRP A 121 -6.51 22.52 8.14
CA TRP A 121 -5.84 22.99 6.94
C TRP A 121 -4.55 23.75 7.17
N ASP A 122 -4.28 24.13 8.41
CA ASP A 122 -3.04 24.84 8.72
C ASP A 122 -1.85 23.90 8.63
N ARG A 123 -2.12 22.60 8.56
CA ARG A 123 -1.06 21.60 8.49
C ARG A 123 -0.95 20.99 7.09
N GLU A 124 -1.64 21.59 6.14
CA GLU A 124 -1.63 21.12 4.76
C GLU A 124 -0.20 21.03 4.21
N VAL A 125 0.07 19.97 3.45
CA VAL A 125 1.38 19.82 2.84
C VAL A 125 1.19 19.53 1.37
N THR A 126 2.12 20.03 0.55
CA THR A 126 2.09 19.82 -0.89
C THR A 126 3.51 19.36 -1.20
N THR A 127 3.68 18.06 -1.44
CA THR A 127 4.99 17.47 -1.69
C THR A 127 5.81 18.01 -2.86
N CYS A 128 5.18 18.66 -3.82
CA CYS A 128 5.92 19.18 -4.97
C CYS A 128 6.53 20.54 -4.70
N GLU A 129 6.34 21.06 -3.50
CA GLU A 129 6.89 22.35 -3.12
C GLU A 129 8.26 22.18 -2.47
N PRO A 130 9.18 23.13 -2.73
CA PRO A 130 10.54 23.08 -2.17
C PRO A 130 10.52 22.99 -0.66
N GLU A 131 9.54 23.66 -0.05
CA GLU A 131 9.39 23.67 1.40
C GLU A 131 9.20 22.25 1.93
N TYR A 132 8.81 21.32 1.06
CA TYR A 132 8.64 19.94 1.49
C TYR A 132 9.77 19.04 1.00
N TYR A 133 10.02 19.01 -0.31
CA TYR A 133 11.05 18.12 -0.81
C TYR A 133 12.48 18.40 -0.38
N ARG A 134 12.73 19.57 0.20
CA ARG A 134 14.07 19.87 0.68
C ARG A 134 14.35 18.89 1.81
N TRP A 135 13.28 18.46 2.48
CA TRP A 135 13.42 17.52 3.58
C TRP A 135 13.54 16.09 3.06
N ASN A 136 13.07 15.83 1.84
CA ASN A 136 13.23 14.52 1.24
C ASN A 136 14.73 14.38 1.03
N GLN A 137 15.34 15.45 0.51
CA GLN A 137 16.77 15.49 0.22
C GLN A 137 17.58 15.34 1.50
N TRP A 138 17.10 15.96 2.58
CA TRP A 138 17.75 15.91 3.88
C TRP A 138 17.79 14.46 4.37
N ILE A 139 16.64 13.78 4.30
CA ILE A 139 16.55 12.38 4.73
C ILE A 139 17.43 11.52 3.82
N PHE A 140 17.45 11.85 2.53
CA PHE A 140 18.26 11.10 1.58
C PHE A 140 19.74 11.14 2.01
N LEU A 141 20.21 12.32 2.39
CA LEU A 141 21.60 12.49 2.83
C LEU A 141 21.89 11.67 4.08
N LYS A 142 20.93 11.59 4.99
CA LYS A 142 21.14 10.83 6.21
C LYS A 142 21.30 9.34 5.90
N MET A 143 20.49 8.84 4.97
CA MET A 143 20.58 7.44 4.58
C MET A 143 21.91 7.16 3.89
N TRP A 144 22.39 8.14 3.13
CA TRP A 144 23.68 8.00 2.44
C TRP A 144 24.80 7.86 3.46
N GLU A 145 24.76 8.73 4.47
CA GLU A 145 25.76 8.74 5.54
C GLU A 145 25.71 7.48 6.40
N LYS A 146 24.55 6.84 6.47
CA LYS A 146 24.37 5.64 7.27
C LYS A 146 24.44 4.35 6.45
N GLY A 147 24.95 4.45 5.23
CA GLY A 147 25.09 3.28 4.37
C GLY A 147 23.78 2.66 3.92
N LEU A 148 22.73 3.47 3.78
CA LEU A 148 21.43 2.97 3.34
C LEU A 148 21.06 3.43 1.93
N ALA A 149 21.85 4.34 1.37
CA ALA A 149 21.61 4.84 0.02
C ALA A 149 22.86 4.59 -0.81
N TYR A 150 22.70 3.89 -1.93
CA TYR A 150 23.84 3.59 -2.78
C TYR A 150 23.52 3.56 -4.28
N ARG A 151 24.57 3.64 -5.09
CA ARG A 151 24.44 3.61 -6.54
C ARG A 151 25.02 2.29 -7.02
N ALA A 152 24.30 1.60 -7.89
CA ALA A 152 24.78 0.32 -8.41
C ALA A 152 24.24 0.07 -9.80
N LYS A 153 25.00 -0.70 -10.58
CA LYS A 153 24.60 -1.04 -11.93
C LYS A 153 24.00 -2.44 -11.91
N GLY A 154 23.05 -2.69 -12.80
CA GLY A 154 22.42 -4.00 -12.85
C GLY A 154 21.12 -3.94 -13.61
N LEU A 155 20.45 -5.08 -13.73
CA LEU A 155 19.18 -5.11 -14.45
C LEU A 155 18.07 -4.52 -13.59
N VAL A 156 17.21 -3.75 -14.23
CA VAL A 156 16.10 -3.10 -13.52
C VAL A 156 14.80 -3.23 -14.31
N ASN A 157 13.68 -3.02 -13.63
CA ASN A 157 12.38 -3.07 -14.29
C ASN A 157 12.15 -1.74 -15.00
N TRP A 158 11.56 -1.80 -16.18
CA TRP A 158 11.32 -0.59 -16.98
C TRP A 158 9.97 -0.64 -17.70
N CYS A 159 9.28 0.49 -17.68
CA CYS A 159 7.98 0.62 -18.34
C CYS A 159 8.17 1.53 -19.56
N PRO A 160 7.91 1.02 -20.78
CA PRO A 160 8.09 1.83 -21.99
C PRO A 160 7.12 3.01 -22.06
N LYS A 161 6.00 2.90 -21.35
CA LYS A 161 5.01 3.97 -21.32
C LYS A 161 5.44 5.11 -20.40
N CYS A 162 5.89 4.79 -19.19
CA CYS A 162 6.33 5.83 -18.26
C CYS A 162 7.71 6.33 -18.67
N GLN A 163 8.42 5.53 -19.46
CA GLN A 163 9.78 5.89 -19.90
C GLN A 163 10.70 6.09 -18.71
N THR A 164 10.62 5.17 -17.75
CA THR A 164 11.47 5.24 -16.56
C THR A 164 11.52 3.89 -15.87
N VAL A 165 12.52 3.71 -15.02
CA VAL A 165 12.67 2.48 -14.27
C VAL A 165 11.61 2.45 -13.17
N LEU A 166 11.28 1.25 -12.69
CA LEU A 166 10.29 1.09 -11.64
C LEU A 166 10.84 0.19 -10.55
N ALA A 167 10.40 0.42 -9.31
CA ALA A 167 10.82 -0.40 -8.19
C ALA A 167 10.06 -1.72 -8.26
N ASN A 168 10.62 -2.78 -7.67
CA ASN A 168 10.00 -4.10 -7.66
C ASN A 168 8.54 -4.03 -7.20
N GLU A 169 8.28 -3.24 -6.17
CA GLU A 169 6.93 -3.10 -5.63
C GLU A 169 5.96 -2.47 -6.63
N GLN A 170 6.48 -1.67 -7.55
CA GLN A 170 5.64 -1.01 -8.55
C GLN A 170 5.32 -1.88 -9.77
N VAL A 171 5.69 -3.16 -9.69
CA VAL A 171 5.42 -4.10 -10.77
C VAL A 171 4.37 -5.08 -10.26
N VAL A 172 3.17 -5.01 -10.83
CA VAL A 172 2.04 -5.86 -10.44
C VAL A 172 1.72 -6.86 -11.55
N GLU A 173 1.92 -8.15 -11.27
CA GLU A 173 1.66 -9.17 -12.28
C GLU A 173 2.52 -8.97 -13.53
N GLY A 174 3.71 -8.39 -13.36
CA GLY A 174 4.56 -8.15 -14.51
C GLY A 174 4.16 -6.91 -15.29
N ARG A 175 3.19 -6.16 -14.76
CA ARG A 175 2.71 -4.94 -15.41
C ARG A 175 3.01 -3.73 -14.52
N CYS A 176 3.00 -2.56 -15.14
CA CYS A 176 3.25 -1.29 -14.47
C CYS A 176 2.06 -0.97 -13.53
N TRP A 177 2.34 -0.52 -12.31
CA TRP A 177 1.27 -0.20 -11.35
C TRP A 177 0.37 0.92 -11.87
N ARG A 178 0.86 1.68 -12.85
CA ARG A 178 0.07 2.77 -13.42
C ARG A 178 -0.54 2.36 -14.75
N HIS A 179 0.20 1.55 -15.49
CA HIS A 179 -0.23 1.07 -16.81
C HIS A 179 -0.40 -0.44 -16.79
N GLU A 180 -1.51 -0.87 -16.21
CA GLU A 180 -1.84 -2.27 -16.05
C GLU A 180 -1.86 -3.10 -17.31
N ASP A 181 -1.88 -2.44 -18.47
CA ASP A 181 -1.91 -3.14 -19.76
C ASP A 181 -0.52 -3.24 -20.39
N THR A 182 0.46 -2.59 -19.78
CA THR A 182 1.81 -2.60 -20.31
C THR A 182 2.78 -3.48 -19.54
N PRO A 183 3.33 -4.52 -20.19
CA PRO A 183 4.27 -5.43 -19.53
C PRO A 183 5.60 -4.71 -19.27
N VAL A 184 6.15 -4.91 -18.08
CA VAL A 184 7.42 -4.29 -17.71
C VAL A 184 8.57 -4.97 -18.46
N GLU A 185 9.56 -4.19 -18.86
CA GLU A 185 10.71 -4.73 -19.58
C GLU A 185 11.98 -4.62 -18.73
N LYS A 186 13.03 -5.29 -19.16
CA LYS A 186 14.30 -5.28 -18.43
C LYS A 186 15.39 -4.51 -19.13
N ARG A 187 16.20 -3.80 -18.35
CA ARG A 187 17.30 -3.01 -18.88
C ARG A 187 18.47 -2.95 -17.90
N GLU A 188 19.64 -2.61 -18.41
CA GLU A 188 20.85 -2.52 -17.58
C GLU A 188 21.20 -1.05 -17.38
N LEU A 189 21.07 -0.58 -16.14
CA LEU A 189 21.36 0.81 -15.84
C LEU A 189 21.93 0.98 -14.44
N GLU A 190 22.60 2.10 -14.23
CA GLU A 190 23.18 2.41 -12.93
C GLU A 190 22.16 3.31 -12.23
N GLN A 191 21.62 2.84 -11.10
CA GLN A 191 20.61 3.59 -10.38
C GLN A 191 20.85 3.73 -8.88
N TRP A 192 19.96 4.46 -8.22
CA TRP A 192 20.05 4.66 -6.78
C TRP A 192 19.11 3.71 -6.06
N TYR A 193 19.58 3.14 -4.95
CA TYR A 193 18.79 2.21 -4.16
C TYR A 193 18.81 2.56 -2.69
N LEU A 194 17.73 2.21 -1.98
CA LEU A 194 17.66 2.41 -0.54
C LEU A 194 17.74 1.00 0.02
N ARG A 195 18.73 0.76 0.88
CA ARG A 195 18.95 -0.56 1.45
C ARG A 195 17.89 -1.00 2.46
N ILE A 196 16.65 -1.15 2.00
CA ILE A 196 15.57 -1.56 2.89
C ILE A 196 15.77 -2.99 3.42
N THR A 197 16.58 -3.78 2.71
CA THR A 197 16.84 -5.15 3.15
C THR A 197 17.59 -5.16 4.49
N ALA A 198 18.20 -4.04 4.84
CA ALA A 198 18.92 -3.94 6.10
C ALA A 198 17.95 -3.95 7.28
N TYR A 199 16.65 -3.72 6.99
CA TYR A 199 15.62 -3.73 8.03
C TYR A 199 14.65 -4.88 7.82
N ALA A 200 14.97 -5.80 6.93
CA ALA A 200 14.09 -6.92 6.61
C ALA A 200 13.59 -7.71 7.83
N GLU A 201 14.52 -8.08 8.71
CA GLU A 201 14.18 -8.85 9.90
C GLU A 201 13.25 -8.09 10.84
N ARG A 202 13.53 -6.81 11.06
CA ARG A 202 12.70 -5.99 11.93
C ARG A 202 11.34 -5.72 11.29
N LEU A 203 11.30 -5.58 9.97
CA LEU A 203 10.04 -5.33 9.27
C LEU A 203 9.14 -6.55 9.41
N LEU A 204 9.75 -7.73 9.42
CA LEU A 204 9.01 -8.97 9.55
C LEU A 204 8.55 -9.22 10.99
N LYS A 205 9.50 -9.15 11.93
CA LYS A 205 9.21 -9.38 13.35
C LYS A 205 8.23 -8.38 13.96
N ASP A 206 8.38 -7.10 13.63
CA ASP A 206 7.52 -6.07 14.21
C ASP A 206 6.07 -6.08 13.73
N LEU A 207 5.73 -7.02 12.85
CA LEU A 207 4.37 -7.13 12.35
C LEU A 207 3.45 -7.80 13.37
N GLU A 208 4.03 -8.69 14.17
CA GLU A 208 3.28 -9.44 15.18
C GLU A 208 2.30 -8.65 16.04
N GLY A 209 2.77 -7.61 16.71
CA GLY A 209 1.88 -6.82 17.55
C GLY A 209 0.80 -6.08 16.79
N LEU A 210 1.23 -5.32 15.78
CA LEU A 210 0.38 -4.50 14.92
C LEU A 210 -1.11 -4.83 14.81
N ASN A 211 -1.94 -3.81 15.05
CA ASN A 211 -3.39 -3.95 14.93
C ASN A 211 -3.75 -3.62 13.49
N TRP A 212 -3.33 -4.51 12.60
CA TRP A 212 -3.55 -4.39 11.15
C TRP A 212 -4.33 -5.61 10.69
N PRO A 213 -4.99 -5.52 9.53
CA PRO A 213 -5.77 -6.66 9.01
C PRO A 213 -4.78 -7.78 8.68
N GLU A 214 -5.14 -9.02 9.03
CA GLU A 214 -4.25 -10.15 8.77
C GLU A 214 -3.86 -10.24 7.30
N LYS A 215 -4.78 -9.89 6.40
CA LYS A 215 -4.46 -9.95 4.98
C LYS A 215 -3.26 -9.08 4.62
N VAL A 216 -3.15 -7.90 5.24
CA VAL A 216 -2.03 -7.02 4.95
C VAL A 216 -0.73 -7.61 5.53
N LYS A 217 -0.81 -8.12 6.76
CA LYS A 217 0.36 -8.72 7.38
C LYS A 217 0.88 -9.87 6.55
N ALA A 218 -0.05 -10.70 6.05
CA ALA A 218 0.31 -11.85 5.23
C ALA A 218 1.01 -11.42 3.94
N MET A 219 0.50 -10.38 3.29
CA MET A 219 1.12 -9.89 2.06
C MET A 219 2.53 -9.39 2.31
N GLN A 220 2.75 -8.72 3.43
CA GLN A 220 4.08 -8.22 3.74
C GLN A 220 5.05 -9.36 4.07
N ARG A 221 4.56 -10.36 4.80
CA ARG A 221 5.40 -11.50 5.16
C ARG A 221 5.83 -12.24 3.89
N ALA A 222 4.89 -12.43 2.97
CA ALA A 222 5.18 -13.13 1.73
C ALA A 222 6.14 -12.31 0.86
N TRP A 223 5.99 -11.00 0.87
CA TRP A 223 6.85 -10.12 0.08
C TRP A 223 8.28 -10.15 0.59
N ILE A 224 8.45 -10.06 1.90
CA ILE A 224 9.77 -10.09 2.52
C ILE A 224 10.38 -11.48 2.31
N GLY A 225 9.56 -12.51 2.46
CA GLY A 225 9.97 -13.89 2.25
C GLY A 225 11.25 -14.39 2.90
N ARG A 226 11.25 -14.47 4.23
CA ARG A 226 12.43 -14.96 4.96
C ARG A 226 12.70 -16.40 4.55
N SER A 227 13.95 -16.71 4.24
CA SER A 227 14.34 -18.04 3.80
C SER A 227 15.55 -18.63 4.55
N GLU A 228 15.44 -19.91 4.90
CA GLU A 228 16.49 -20.65 5.61
C GLU A 228 17.45 -21.26 4.60
N GLY A 229 18.64 -20.70 4.48
CA GLY A 229 19.61 -21.21 3.53
C GLY A 229 20.91 -21.63 4.18
N ALA A 230 21.93 -21.91 3.37
CA ALA A 230 23.20 -22.31 3.95
C ALA A 230 24.35 -22.19 2.98
N GLU A 231 25.54 -22.00 3.54
CA GLU A 231 26.75 -21.95 2.74
C GLU A 231 27.42 -23.28 3.09
N ILE A 232 27.64 -24.11 2.08
CA ILE A 232 28.23 -25.42 2.28
C ILE A 232 29.60 -25.48 1.63
N LEU A 233 30.56 -26.10 2.31
CA LEU A 233 31.92 -26.19 1.80
C LEU A 233 32.21 -27.52 1.10
N PHE A 234 32.65 -27.45 -0.14
CA PHE A 234 32.97 -28.66 -0.89
C PHE A 234 34.48 -28.76 -1.15
N PRO A 235 35.14 -29.74 -0.52
CA PRO A 235 36.59 -29.95 -0.67
C PRO A 235 36.93 -30.38 -2.10
N VAL A 236 37.91 -29.73 -2.72
CA VAL A 236 38.30 -30.11 -4.08
C VAL A 236 39.36 -31.21 -4.00
N GLU A 237 39.11 -32.30 -4.71
CA GLU A 237 40.04 -33.43 -4.73
C GLU A 237 41.46 -32.98 -5.08
N GLY A 238 42.41 -33.28 -4.19
CA GLY A 238 43.80 -32.93 -4.43
C GLY A 238 44.20 -31.48 -4.27
N LYS A 239 43.27 -30.64 -3.82
CA LYS A 239 43.58 -29.22 -3.66
C LYS A 239 43.24 -28.75 -2.25
N GLU A 240 43.85 -27.64 -1.85
CA GLU A 240 43.60 -27.08 -0.53
C GLU A 240 42.23 -26.43 -0.42
N VAL A 241 41.84 -25.68 -1.45
CA VAL A 241 40.57 -24.98 -1.46
C VAL A 241 39.32 -25.84 -1.25
N ARG A 242 38.39 -25.30 -0.47
CA ARG A 242 37.11 -25.93 -0.22
C ARG A 242 36.12 -24.89 -0.77
N ILE A 243 35.46 -25.22 -1.88
CA ILE A 243 34.53 -24.30 -2.53
C ILE A 243 33.27 -24.00 -1.73
N PRO A 244 33.07 -22.73 -1.34
CA PRO A 244 31.90 -22.30 -0.58
C PRO A 244 30.72 -22.21 -1.55
N VAL A 245 29.62 -22.89 -1.22
CA VAL A 245 28.45 -22.85 -2.09
C VAL A 245 27.23 -22.40 -1.29
N PHE A 246 26.47 -21.45 -1.83
CA PHE A 246 25.26 -21.01 -1.14
C PHE A 246 24.06 -21.73 -1.76
N THR A 247 23.12 -22.15 -0.91
CA THR A 247 21.92 -22.83 -1.40
C THR A 247 20.73 -22.52 -0.51
N THR A 248 19.56 -22.43 -1.11
CA THR A 248 18.32 -22.19 -0.36
C THR A 248 17.72 -23.56 -0.06
N ARG A 249 18.34 -24.62 -0.60
CA ARG A 249 17.85 -25.99 -0.40
C ARG A 249 18.89 -26.93 0.24
N PRO A 250 19.33 -26.63 1.46
CA PRO A 250 20.32 -27.51 2.10
C PRO A 250 19.72 -28.89 2.39
N ASP A 251 18.39 -28.97 2.34
CA ASP A 251 17.70 -30.24 2.57
C ASP A 251 17.92 -31.21 1.43
N THR A 252 18.49 -30.73 0.32
CA THR A 252 18.74 -31.59 -0.83
C THR A 252 20.22 -31.90 -1.05
N LEU A 253 21.04 -31.58 -0.04
CA LEU A 253 22.49 -31.80 -0.13
C LEU A 253 22.92 -33.19 -0.59
N PHE A 254 22.29 -34.24 -0.07
CA PHE A 254 22.66 -35.60 -0.46
C PHE A 254 22.39 -35.87 -1.93
N GLY A 255 21.62 -34.99 -2.57
CA GLY A 255 21.30 -35.16 -3.98
C GLY A 255 22.15 -34.32 -4.90
N ALA A 256 23.14 -33.62 -4.36
CA ALA A 256 24.01 -32.80 -5.18
C ALA A 256 24.98 -33.71 -5.92
N THR A 257 24.81 -33.83 -7.24
CA THR A 257 25.64 -34.72 -8.06
C THR A 257 26.76 -34.03 -8.84
N PHE A 258 26.81 -32.70 -8.78
CA PHE A 258 27.87 -31.96 -9.43
C PHE A 258 27.82 -30.50 -9.01
N LEU A 259 28.91 -29.79 -9.26
CA LEU A 259 28.97 -28.38 -8.91
C LEU A 259 29.09 -27.58 -10.20
N VAL A 260 28.59 -26.36 -10.17
CA VAL A 260 28.66 -25.48 -11.34
C VAL A 260 29.20 -24.13 -10.93
N LEU A 261 30.27 -23.71 -11.57
CA LEU A 261 30.87 -22.42 -11.28
C LEU A 261 30.56 -21.42 -12.37
N ALA A 262 30.32 -20.17 -11.97
CA ALA A 262 30.07 -19.11 -12.93
C ALA A 262 31.34 -18.98 -13.74
N PRO A 263 31.21 -18.66 -15.04
CA PRO A 263 32.40 -18.52 -15.91
C PRO A 263 33.40 -17.54 -15.32
N GLU A 264 32.90 -16.52 -14.61
CA GLU A 264 33.78 -15.50 -14.03
C GLU A 264 34.34 -15.86 -12.66
N HIS A 265 33.91 -16.98 -12.09
CA HIS A 265 34.41 -17.38 -10.78
C HIS A 265 35.92 -17.61 -10.91
N PRO A 266 36.71 -17.07 -9.98
CA PRO A 266 38.18 -17.23 -10.00
C PRO A 266 38.65 -18.67 -10.12
N LEU A 267 37.93 -19.60 -9.48
CA LEU A 267 38.30 -21.01 -9.51
C LEU A 267 38.07 -21.71 -10.85
N THR A 268 37.24 -21.15 -11.72
CA THR A 268 36.96 -21.79 -12.99
C THR A 268 38.23 -22.07 -13.81
N LEU A 269 39.08 -21.06 -13.93
CA LEU A 269 40.31 -21.23 -14.68
C LEU A 269 41.39 -21.89 -13.83
N GLU A 270 41.42 -21.53 -12.55
CA GLU A 270 42.42 -22.09 -11.64
C GLU A 270 42.32 -23.61 -11.49
N LEU A 271 41.09 -24.13 -11.42
CA LEU A 271 40.90 -25.57 -11.25
C LEU A 271 40.86 -26.36 -12.54
N ALA A 272 40.86 -25.67 -13.68
CA ALA A 272 40.79 -26.36 -14.97
C ALA A 272 42.01 -27.25 -15.19
N ALA A 273 41.77 -28.47 -15.63
CA ALA A 273 42.87 -29.40 -15.90
C ALA A 273 43.65 -28.83 -17.07
N PRO A 274 44.96 -29.11 -17.14
CA PRO A 274 45.79 -28.59 -18.23
C PRO A 274 45.18 -28.78 -19.61
N GLU A 275 44.75 -29.99 -19.90
CA GLU A 275 44.15 -30.32 -21.19
C GLU A 275 42.81 -29.63 -21.44
N LYS A 276 42.21 -29.08 -20.38
CA LYS A 276 40.91 -28.40 -20.50
C LYS A 276 41.04 -26.87 -20.52
N ARG A 277 42.21 -26.37 -20.12
CA ARG A 277 42.44 -24.93 -20.04
C ARG A 277 42.03 -24.13 -21.29
N GLU A 278 42.34 -24.67 -22.47
CA GLU A 278 42.00 -23.97 -23.71
C GLU A 278 40.50 -23.81 -23.92
N GLU A 279 39.76 -24.91 -23.77
CA GLU A 279 38.31 -24.88 -23.94
C GLU A 279 37.64 -24.02 -22.86
N VAL A 280 38.13 -24.12 -21.64
CA VAL A 280 37.55 -23.34 -20.54
C VAL A 280 37.76 -21.85 -20.76
N LEU A 281 38.98 -21.47 -21.14
CA LEU A 281 39.30 -20.06 -21.37
C LEU A 281 38.44 -19.47 -22.50
N ALA A 282 38.22 -20.25 -23.55
CA ALA A 282 37.41 -19.79 -24.67
C ALA A 282 35.97 -19.57 -24.21
N TYR A 283 35.46 -20.50 -23.40
CA TYR A 283 34.11 -20.42 -22.89
C TYR A 283 33.93 -19.21 -21.99
N VAL A 284 34.92 -18.97 -21.13
CA VAL A 284 34.88 -17.82 -20.22
C VAL A 284 34.89 -16.52 -21.02
N GLU A 285 35.72 -16.47 -22.06
CA GLU A 285 35.82 -15.28 -22.90
C GLU A 285 34.52 -15.02 -23.64
N ALA A 286 33.91 -16.08 -24.16
CA ALA A 286 32.66 -15.96 -24.90
C ALA A 286 31.54 -15.45 -23.99
N ALA A 287 31.51 -15.98 -22.77
CA ALA A 287 30.49 -15.58 -21.81
C ALA A 287 30.56 -14.08 -21.55
N LYS A 288 31.78 -13.58 -21.39
CA LYS A 288 31.96 -12.17 -21.10
C LYS A 288 31.51 -11.24 -22.24
N ARG A 289 31.58 -11.72 -23.47
CA ARG A 289 31.19 -10.93 -24.63
C ARG A 289 29.70 -10.58 -24.58
N LYS A 290 28.93 -11.41 -23.88
CA LYS A 290 27.49 -11.18 -23.77
C LYS A 290 27.15 -10.06 -22.79
N THR A 291 25.93 -9.54 -22.90
CA THR A 291 25.45 -8.49 -22.03
C THR A 291 24.77 -9.13 -20.84
N GLU A 292 24.54 -8.36 -19.78
CA GLU A 292 23.88 -8.88 -18.60
C GLU A 292 22.56 -9.51 -19.02
N ILE A 293 21.82 -8.79 -19.85
CA ILE A 293 20.53 -9.25 -20.34
C ILE A 293 20.67 -10.57 -21.08
N GLU A 294 21.59 -10.62 -22.04
CA GLU A 294 21.83 -11.82 -22.84
C GLU A 294 22.10 -13.05 -21.98
N ARG A 295 22.94 -12.91 -20.96
CA ARG A 295 23.24 -14.04 -20.09
C ARG A 295 22.08 -14.30 -19.14
N GLN A 296 21.31 -13.25 -18.87
CA GLN A 296 20.15 -13.36 -17.98
C GLN A 296 18.98 -13.91 -18.80
N ALA A 297 19.27 -14.32 -20.03
CA ALA A 297 18.24 -14.85 -20.93
C ALA A 297 17.55 -16.07 -20.35
N GLU A 298 16.49 -16.52 -21.04
CA GLU A 298 15.72 -17.67 -20.60
C GLU A 298 15.88 -18.92 -21.45
N GLY A 299 15.02 -19.03 -22.47
CA GLY A 299 15.02 -20.20 -23.35
C GLY A 299 16.23 -20.52 -24.20
N ARG A 300 17.43 -20.17 -23.74
CA ARG A 300 18.63 -20.48 -24.53
C ARG A 300 19.10 -21.88 -24.17
N GLU A 301 19.63 -22.60 -25.14
CA GLU A 301 20.11 -23.96 -24.93
C GLU A 301 21.21 -23.97 -23.87
N LYS A 302 21.25 -25.04 -23.08
CA LYS A 302 22.25 -25.20 -22.02
C LYS A 302 23.65 -25.50 -22.58
N THR A 303 24.65 -24.78 -22.08
CA THR A 303 26.03 -25.01 -22.50
C THR A 303 26.91 -25.09 -21.26
N GLY A 304 28.10 -25.64 -21.42
CA GLY A 304 29.01 -25.74 -20.30
C GLY A 304 30.24 -26.58 -20.62
N VAL A 305 31.23 -26.49 -19.75
CA VAL A 305 32.47 -27.24 -19.93
C VAL A 305 32.90 -27.91 -18.63
N PHE A 306 33.27 -29.19 -18.72
CA PHE A 306 33.74 -29.93 -17.56
C PHE A 306 35.18 -29.47 -17.31
N LEU A 307 35.45 -28.96 -16.11
CA LEU A 307 36.78 -28.47 -15.78
C LEU A 307 37.86 -29.52 -15.62
N GLY A 308 37.46 -30.79 -15.47
CA GLY A 308 38.44 -31.83 -15.30
C GLY A 308 38.90 -31.90 -13.85
N ALA A 309 38.04 -31.42 -12.94
CA ALA A 309 38.33 -31.42 -11.51
C ALA A 309 37.12 -31.97 -10.76
N TYR A 310 37.35 -32.52 -9.58
CA TYR A 310 36.28 -33.08 -8.77
C TYR A 310 36.25 -32.51 -7.37
N ALA A 311 35.07 -32.52 -6.76
CA ALA A 311 34.88 -32.06 -5.39
C ALA A 311 34.27 -33.22 -4.62
N LEU A 312 34.32 -33.14 -3.30
CA LEU A 312 33.73 -34.18 -2.45
C LEU A 312 32.46 -33.67 -1.81
N ASN A 313 31.37 -34.42 -1.98
CA ASN A 313 30.10 -34.03 -1.36
C ASN A 313 30.29 -34.33 0.14
N PRO A 314 30.25 -33.29 0.99
CA PRO A 314 30.42 -33.43 2.45
C PRO A 314 29.44 -34.38 3.14
N ALA A 315 28.25 -34.53 2.58
CA ALA A 315 27.25 -35.41 3.18
C ALA A 315 27.41 -36.89 2.82
N THR A 316 27.68 -37.17 1.55
CA THR A 316 27.82 -38.53 1.11
C THR A 316 29.28 -38.98 1.01
N GLY A 317 30.19 -38.02 1.07
CA GLY A 317 31.60 -38.35 0.95
C GLY A 317 31.92 -38.86 -0.45
N GLU A 318 31.02 -38.64 -1.39
CA GLU A 318 31.21 -39.09 -2.76
C GLU A 318 31.79 -38.01 -3.68
N ARG A 319 32.53 -38.48 -4.66
CA ARG A 319 33.20 -37.67 -5.68
C ARG A 319 32.20 -37.12 -6.71
N ILE A 320 32.22 -35.82 -6.94
CA ILE A 320 31.32 -35.22 -7.94
C ILE A 320 32.07 -34.26 -8.84
N PRO A 321 31.76 -34.26 -10.15
CA PRO A 321 32.43 -33.38 -11.12
C PRO A 321 32.15 -31.89 -10.95
N ILE A 322 33.14 -31.08 -11.32
CA ILE A 322 33.00 -29.64 -11.26
C ILE A 322 32.94 -29.09 -12.68
N TRP A 323 31.88 -28.35 -12.98
CA TRP A 323 31.69 -27.76 -14.30
C TRP A 323 31.53 -26.25 -14.20
N THR A 324 31.64 -25.59 -15.34
CA THR A 324 31.41 -24.16 -15.42
C THR A 324 30.30 -24.05 -16.47
N ALA A 325 29.32 -23.19 -16.23
CA ALA A 325 28.22 -23.04 -17.17
C ALA A 325 27.57 -21.67 -17.12
N ASP A 326 27.20 -21.19 -18.31
CA ASP A 326 26.55 -19.89 -18.50
C ASP A 326 25.30 -19.65 -17.65
N TYR A 327 24.54 -20.70 -17.38
CA TYR A 327 23.30 -20.54 -16.62
C TYR A 327 23.49 -20.18 -15.16
N VAL A 328 24.74 -20.14 -14.71
CA VAL A 328 25.03 -19.76 -13.34
C VAL A 328 25.66 -18.37 -13.35
N LEU A 329 25.04 -17.45 -12.63
CA LEU A 329 25.52 -16.07 -12.55
C LEU A 329 26.45 -15.92 -11.36
N PHE A 330 27.55 -15.20 -11.54
CA PHE A 330 28.50 -15.01 -10.46
C PHE A 330 27.88 -14.22 -9.31
N GLY A 331 26.93 -13.35 -9.64
CA GLY A 331 26.28 -12.54 -8.63
C GLY A 331 25.36 -13.31 -7.69
N TYR A 332 24.91 -14.49 -8.12
CA TYR A 332 24.03 -15.30 -7.29
C TYR A 332 24.83 -16.07 -6.24
N GLY A 333 24.53 -15.81 -4.97
CA GLY A 333 25.23 -16.49 -3.89
C GLY A 333 26.74 -16.29 -3.97
N THR A 334 27.49 -17.38 -4.00
CA THR A 334 28.95 -17.32 -4.06
C THR A 334 29.47 -17.49 -5.49
N GLY A 335 28.57 -17.48 -6.47
CA GLY A 335 28.99 -17.65 -7.85
C GLY A 335 29.25 -19.11 -8.16
N ALA A 336 28.91 -19.98 -7.22
CA ALA A 336 29.07 -21.43 -7.37
C ALA A 336 27.86 -22.09 -6.72
N ILE A 337 27.32 -23.11 -7.37
CA ILE A 337 26.16 -23.79 -6.82
C ILE A 337 26.32 -25.30 -6.85
N MET A 338 25.55 -25.98 -6.00
CA MET A 338 25.56 -27.43 -6.00
C MET A 338 24.32 -27.78 -6.83
N ALA A 339 24.51 -28.57 -7.88
CA ALA A 339 23.40 -28.95 -8.73
C ALA A 339 22.69 -30.18 -8.19
N VAL A 340 21.37 -30.09 -8.09
CA VAL A 340 20.52 -31.17 -7.61
C VAL A 340 19.45 -31.35 -8.69
N PRO A 341 19.79 -32.04 -9.78
CA PRO A 341 18.91 -32.32 -10.91
C PRO A 341 17.53 -32.85 -10.57
N ALA A 342 17.45 -33.70 -9.55
CA ALA A 342 16.17 -34.28 -9.16
C ALA A 342 15.20 -33.27 -8.54
N HIS A 343 15.73 -32.16 -8.04
CA HIS A 343 14.87 -31.18 -7.38
C HIS A 343 14.99 -29.72 -7.83
N ASP A 344 15.66 -29.51 -8.97
CA ASP A 344 15.85 -28.17 -9.51
C ASP A 344 15.75 -28.33 -11.03
N GLN A 345 14.67 -27.82 -11.61
CA GLN A 345 14.42 -27.97 -13.04
C GLN A 345 15.55 -27.49 -13.93
N ARG A 346 16.19 -26.39 -13.55
CA ARG A 346 17.31 -25.90 -14.36
C ARG A 346 18.44 -26.94 -14.32
N ASP A 347 18.73 -27.45 -13.13
CA ASP A 347 19.78 -28.45 -12.98
C ASP A 347 19.37 -29.74 -13.70
N TYR A 348 18.09 -30.07 -13.64
CA TYR A 348 17.58 -31.28 -14.30
C TYR A 348 17.92 -31.26 -15.79
N GLU A 349 17.52 -30.20 -16.47
CA GLU A 349 17.77 -30.06 -17.91
C GLU A 349 19.24 -30.11 -18.26
N PHE A 350 20.10 -29.52 -17.43
CA PHE A 350 21.53 -29.53 -17.68
C PHE A 350 22.07 -30.96 -17.51
N ALA A 351 21.63 -31.63 -16.45
CA ALA A 351 22.07 -32.99 -16.18
C ALA A 351 21.66 -33.92 -17.33
N ARG A 352 20.42 -33.79 -17.78
CA ARG A 352 19.92 -34.62 -18.88
C ARG A 352 20.70 -34.41 -20.16
N LYS A 353 21.04 -33.16 -20.46
CA LYS A 353 21.78 -32.84 -21.66
C LYS A 353 23.23 -33.32 -21.67
N PHE A 354 23.91 -33.22 -20.54
CA PHE A 354 25.31 -33.62 -20.45
C PHE A 354 25.56 -34.98 -19.79
N GLY A 355 24.49 -35.74 -19.60
CA GLY A 355 24.62 -37.07 -19.01
C GLY A 355 25.17 -37.11 -17.60
N LEU A 356 24.65 -36.26 -16.72
CA LEU A 356 25.09 -36.23 -15.34
C LEU A 356 24.06 -36.96 -14.46
N PRO A 357 24.50 -37.53 -13.33
CA PRO A 357 23.65 -38.28 -12.40
C PRO A 357 22.46 -37.47 -11.86
N ILE A 358 21.35 -38.17 -11.66
CA ILE A 358 20.15 -37.56 -11.11
C ILE A 358 19.75 -38.43 -9.92
N LYS A 359 19.83 -37.85 -8.71
CA LYS A 359 19.52 -38.59 -7.50
C LYS A 359 18.42 -37.95 -6.66
N LYS A 360 17.38 -38.72 -6.39
CA LYS A 360 16.25 -38.26 -5.58
C LYS A 360 16.56 -38.33 -4.10
N VAL A 361 16.29 -37.24 -3.39
CA VAL A 361 16.51 -37.19 -1.95
C VAL A 361 15.30 -36.59 -1.23
N ILE A 362 14.32 -36.14 -2.00
CA ILE A 362 13.09 -35.59 -1.44
C ILE A 362 11.94 -36.36 -2.11
N GLU A 363 11.17 -37.09 -1.31
CA GLU A 363 10.06 -37.87 -1.85
C GLU A 363 8.75 -37.08 -1.76
N ARG A 364 7.93 -37.19 -2.80
CA ARG A 364 6.65 -36.49 -2.85
C ARG A 364 5.58 -37.21 -2.03
N PRO A 365 4.89 -36.48 -1.14
CA PRO A 365 3.84 -37.07 -0.31
C PRO A 365 2.76 -37.72 -1.20
N GLY A 366 2.12 -38.77 -0.70
CA GLY A 366 1.10 -39.44 -1.49
C GLY A 366 1.75 -40.39 -2.48
N GLU A 367 1.55 -40.13 -3.77
CA GLU A 367 2.13 -40.97 -4.80
C GLU A 367 3.62 -40.64 -4.98
N PRO A 368 4.50 -41.62 -4.73
CA PRO A 368 5.94 -41.41 -4.86
C PRO A 368 6.32 -41.02 -6.28
N LEU A 369 7.46 -40.33 -6.41
CA LEU A 369 7.95 -39.91 -7.71
C LEU A 369 8.30 -41.15 -8.51
N PRO A 370 8.11 -41.09 -9.84
CA PRO A 370 8.40 -42.22 -10.72
C PRO A 370 9.88 -42.38 -11.07
N GLU A 371 10.19 -43.53 -11.65
CA GLU A 371 11.54 -43.87 -12.07
C GLU A 371 11.42 -44.44 -13.48
N PRO A 372 12.07 -43.80 -14.46
CA PRO A 372 12.90 -42.59 -14.34
C PRO A 372 12.13 -41.30 -14.08
N LEU A 373 12.85 -40.32 -13.56
CA LEU A 373 12.30 -39.01 -13.27
C LEU A 373 12.27 -38.23 -14.58
N GLU A 374 11.10 -37.71 -14.96
CA GLU A 374 10.95 -36.97 -16.21
C GLU A 374 11.10 -35.46 -16.07
N ARG A 375 11.06 -34.98 -14.83
CA ARG A 375 11.20 -33.55 -14.54
C ARG A 375 11.49 -33.45 -13.07
N ALA A 376 12.07 -32.33 -12.64
CA ALA A 376 12.41 -32.16 -11.23
C ALA A 376 11.20 -31.97 -10.33
N TYR A 377 11.34 -32.39 -9.08
CA TYR A 377 10.29 -32.22 -8.08
C TYR A 377 10.83 -31.14 -7.14
N GLU A 378 10.29 -29.94 -7.25
CA GLU A 378 10.75 -28.80 -6.46
C GLU A 378 9.97 -28.44 -5.20
N GLU A 379 8.88 -29.15 -4.94
CA GLU A 379 8.08 -28.87 -3.74
C GLU A 379 8.56 -29.61 -2.51
N PRO A 380 8.06 -29.23 -1.32
CA PRO A 380 8.47 -29.89 -0.08
C PRO A 380 8.04 -31.36 -0.06
N GLY A 381 8.76 -32.16 0.72
CA GLY A 381 8.43 -33.57 0.81
C GLY A 381 9.13 -34.22 1.99
N ILE A 382 9.43 -35.52 1.85
CA ILE A 382 10.09 -36.28 2.89
C ILE A 382 11.51 -36.65 2.44
N MET A 383 12.48 -36.40 3.29
CA MET A 383 13.86 -36.72 2.94
C MET A 383 14.05 -38.22 2.81
N VAL A 384 14.75 -38.62 1.76
CA VAL A 384 15.04 -40.02 1.48
C VAL A 384 16.46 -40.13 0.92
N ASN A 385 17.10 -41.28 1.10
CA ASN A 385 18.48 -41.46 0.64
C ASN A 385 19.35 -40.34 1.22
N SER A 386 19.03 -39.94 2.44
CA SER A 386 19.76 -38.87 3.10
C SER A 386 20.30 -39.29 4.47
N GLY A 387 20.87 -40.48 4.54
CA GLY A 387 21.44 -40.97 5.78
C GLY A 387 20.51 -40.91 6.98
N PRO A 388 20.96 -40.26 8.07
CA PRO A 388 20.19 -40.11 9.31
C PRO A 388 19.00 -39.16 9.23
N PHE A 389 18.92 -38.40 8.15
CA PHE A 389 17.83 -37.44 7.98
C PHE A 389 16.57 -38.07 7.37
N ASP A 390 16.69 -39.30 6.88
CA ASP A 390 15.54 -39.98 6.27
C ASP A 390 14.26 -39.89 7.11
N GLY A 391 13.15 -39.56 6.45
CA GLY A 391 11.88 -39.46 7.14
C GLY A 391 11.52 -38.07 7.64
N THR A 392 12.48 -37.15 7.63
CA THR A 392 12.24 -35.79 8.08
C THR A 392 11.56 -34.96 6.98
N GLU A 393 10.62 -34.12 7.37
CA GLU A 393 9.93 -33.25 6.42
C GLU A 393 10.91 -32.21 5.92
N SER A 394 10.90 -31.99 4.61
CA SER A 394 11.79 -31.05 3.92
C SER A 394 12.16 -29.76 4.67
N GLU A 395 11.14 -28.95 4.95
CA GLU A 395 11.38 -27.67 5.64
C GLU A 395 12.16 -27.84 6.93
N GLU A 396 11.69 -28.73 7.81
CA GLU A 396 12.40 -28.99 9.06
C GLU A 396 13.80 -29.55 8.73
N GLY A 397 13.87 -30.34 7.66
CA GLY A 397 15.14 -30.92 7.25
C GLY A 397 16.21 -29.87 6.99
N LYS A 398 15.81 -28.72 6.47
CA LYS A 398 16.75 -27.65 6.19
C LYS A 398 17.45 -27.26 7.50
N ARG A 399 16.65 -27.06 8.54
CA ARG A 399 17.17 -26.69 9.85
C ARG A 399 18.09 -27.77 10.42
N LYS A 400 17.71 -29.04 10.25
CA LYS A 400 18.52 -30.14 10.77
C LYS A 400 19.86 -30.22 10.05
N VAL A 401 19.84 -30.08 8.73
CA VAL A 401 21.09 -30.14 7.97
C VAL A 401 22.00 -28.98 8.37
N ILE A 402 21.41 -27.79 8.51
CA ILE A 402 22.19 -26.62 8.92
C ILE A 402 22.86 -26.84 10.28
N ALA A 403 22.11 -27.41 11.23
CA ALA A 403 22.63 -27.66 12.56
C ALA A 403 23.77 -28.68 12.49
N TRP A 404 23.61 -29.68 11.63
CA TRP A 404 24.62 -30.71 11.44
C TRP A 404 25.88 -30.10 10.82
N LEU A 405 25.70 -29.28 9.78
CA LEU A 405 26.81 -28.64 9.11
C LEU A 405 27.66 -27.78 10.04
N GLU A 406 27.00 -26.96 10.85
CA GLU A 406 27.69 -26.08 11.78
C GLU A 406 28.42 -26.88 12.84
N GLU A 407 27.77 -27.93 13.35
CA GLU A 407 28.36 -28.78 14.36
C GLU A 407 29.61 -29.50 13.87
N LYS A 408 29.63 -29.86 12.58
CA LYS A 408 30.77 -30.57 12.00
C LYS A 408 31.75 -29.68 11.26
N GLY A 409 31.48 -28.38 11.22
CA GLY A 409 32.36 -27.45 10.52
C GLY A 409 32.38 -27.67 9.02
N LEU A 410 31.24 -28.04 8.46
CA LEU A 410 31.13 -28.28 7.02
C LEU A 410 30.38 -27.15 6.32
N GLY A 411 29.82 -26.23 7.09
CA GLY A 411 29.08 -25.13 6.53
C GLY A 411 28.43 -24.30 7.62
N LYS A 412 27.64 -23.30 7.23
CA LYS A 412 26.99 -22.45 8.19
C LYS A 412 25.64 -21.94 7.67
N GLY A 413 24.67 -21.82 8.57
CA GLY A 413 23.37 -21.34 8.19
C GLY A 413 23.46 -19.93 7.64
N ARG A 414 22.57 -19.60 6.71
CA ARG A 414 22.56 -18.26 6.11
C ARG A 414 21.14 -17.89 5.72
N VAL A 415 20.57 -16.93 6.44
CA VAL A 415 19.21 -16.46 6.18
C VAL A 415 19.20 -15.44 5.05
N THR A 416 18.21 -15.55 4.17
CA THR A 416 18.06 -14.62 3.07
C THR A 416 16.61 -14.17 2.98
N TYR A 417 16.34 -13.19 2.15
CA TYR A 417 14.99 -12.66 1.99
C TYR A 417 14.72 -12.47 0.51
N ARG A 418 13.47 -12.62 0.11
CA ARG A 418 13.11 -12.44 -1.28
C ARG A 418 13.11 -10.94 -1.55
N LEU A 419 12.86 -10.17 -0.49
CA LEU A 419 12.85 -8.71 -0.58
C LEU A 419 14.16 -8.20 -1.18
N ARG A 420 14.05 -7.26 -2.11
CA ARG A 420 15.21 -6.65 -2.76
C ARG A 420 15.30 -5.19 -2.37
N ASP A 421 16.48 -4.58 -2.51
CA ASP A 421 16.61 -3.17 -2.17
C ASP A 421 15.68 -2.32 -3.04
N TRP A 422 15.35 -1.15 -2.54
CA TRP A 422 14.41 -0.23 -3.17
C TRP A 422 14.99 0.75 -4.20
N LEU A 423 14.68 0.52 -5.47
CA LEU A 423 15.15 1.38 -6.56
C LEU A 423 14.33 2.67 -6.54
N ILE A 424 14.97 3.78 -6.15
CA ILE A 424 14.28 5.06 -6.05
C ILE A 424 14.49 6.10 -7.15
N SER A 425 15.59 6.01 -7.89
CA SER A 425 15.84 6.99 -8.95
C SER A 425 14.86 6.82 -10.13
N ARG A 426 14.48 7.94 -10.74
CA ARG A 426 13.55 7.94 -11.87
C ARG A 426 14.03 8.92 -12.94
N GLN A 427 13.83 8.56 -14.20
CA GLN A 427 14.23 9.43 -15.31
C GLN A 427 13.06 10.32 -15.68
N ARG A 428 12.55 11.03 -14.69
CA ARG A 428 11.40 11.92 -14.88
C ARG A 428 11.69 13.30 -14.33
N TYR A 429 11.00 14.31 -14.86
CA TYR A 429 11.19 15.67 -14.42
C TYR A 429 10.46 16.03 -13.12
N TRP A 430 9.19 15.67 -13.04
CA TRP A 430 8.36 16.01 -11.88
C TRP A 430 8.64 15.12 -10.67
N GLY A 431 9.68 15.47 -9.93
CA GLY A 431 10.05 14.72 -8.74
C GLY A 431 11.17 15.40 -8.00
N THR A 432 11.51 14.88 -6.82
CA THR A 432 12.58 15.45 -6.00
C THR A 432 13.96 15.16 -6.57
N PRO A 433 14.77 16.20 -6.80
CA PRO A 433 16.12 16.01 -7.34
C PRO A 433 17.01 15.34 -6.30
N ILE A 434 17.85 14.40 -6.74
CA ILE A 434 18.75 13.69 -5.84
C ILE A 434 19.89 14.64 -5.49
N PRO A 435 20.06 14.95 -4.18
CA PRO A 435 21.09 15.84 -3.67
C PRO A 435 22.52 15.31 -3.73
N MET A 436 22.94 14.84 -4.90
CA MET A 436 24.28 14.30 -5.07
C MET A 436 24.95 14.93 -6.29
N VAL A 437 26.27 14.95 -6.29
CA VAL A 437 27.03 15.51 -7.40
C VAL A 437 28.06 14.50 -7.89
N HIS A 438 28.29 14.50 -9.20
CA HIS A 438 29.25 13.59 -9.81
C HIS A 438 30.51 14.32 -10.25
N CYS A 439 31.60 14.07 -9.53
CA CYS A 439 32.89 14.68 -9.83
C CYS A 439 33.80 13.69 -10.53
N GLU A 440 34.49 14.17 -11.55
CA GLU A 440 35.40 13.37 -12.35
C GLU A 440 36.61 12.88 -11.57
N ALA A 441 36.97 13.59 -10.50
CA ALA A 441 38.12 13.23 -9.69
C ALA A 441 37.74 12.53 -8.39
N CYS A 442 36.75 13.09 -7.68
CA CYS A 442 36.30 12.56 -6.40
C CYS A 442 35.28 11.42 -6.48
N GLY A 443 34.53 11.36 -7.57
CA GLY A 443 33.52 10.33 -7.72
C GLY A 443 32.19 10.93 -7.29
N VAL A 444 31.35 10.15 -6.63
CA VAL A 444 30.04 10.61 -6.18
C VAL A 444 30.17 11.37 -4.86
N VAL A 445 29.79 12.64 -4.87
CA VAL A 445 29.87 13.49 -3.69
C VAL A 445 28.51 14.05 -3.29
N PRO A 446 28.20 14.03 -1.99
CA PRO A 446 26.92 14.55 -1.49
C PRO A 446 26.86 16.07 -1.40
N VAL A 447 25.68 16.62 -1.66
CA VAL A 447 25.49 18.06 -1.57
C VAL A 447 25.43 18.43 -0.09
N PRO A 448 26.12 19.50 0.31
CA PRO A 448 26.11 19.91 1.72
C PRO A 448 24.70 20.18 2.21
N GLU A 449 24.43 19.79 3.46
CA GLU A 449 23.10 19.97 4.06
C GLU A 449 22.65 21.43 4.00
N GLU A 450 23.58 22.35 4.28
CA GLU A 450 23.26 23.77 4.27
C GLU A 450 22.88 24.35 2.92
N GLU A 451 23.15 23.61 1.83
CA GLU A 451 22.82 24.09 0.49
C GLU A 451 21.43 23.66 0.02
N LEU A 452 20.78 22.78 0.78
CA LEU A 452 19.45 22.32 0.41
C LEU A 452 18.47 23.49 0.51
N PRO A 453 17.41 23.48 -0.30
CA PRO A 453 17.11 22.45 -1.30
C PRO A 453 17.79 22.62 -2.64
N VAL A 454 17.94 21.50 -3.35
CA VAL A 454 18.49 21.53 -4.70
C VAL A 454 17.21 21.65 -5.52
N LEU A 455 16.89 22.88 -5.92
CA LEU A 455 15.68 23.17 -6.67
C LEU A 455 15.55 22.52 -8.04
N LEU A 456 14.32 22.17 -8.40
CA LEU A 456 14.04 21.59 -9.71
C LEU A 456 14.08 22.76 -10.70
N PRO A 457 14.70 22.57 -11.87
CA PRO A 457 14.78 23.64 -12.89
C PRO A 457 13.35 24.02 -13.30
N ASP A 458 13.09 25.30 -13.49
CA ASP A 458 11.74 25.68 -13.88
C ASP A 458 11.55 25.56 -15.38
N LEU A 459 11.19 24.35 -15.83
CA LEU A 459 10.97 24.07 -17.24
C LEU A 459 9.53 24.41 -17.57
N LYS A 460 9.32 25.27 -18.57
CA LYS A 460 7.97 25.63 -18.95
C LYS A 460 7.47 24.89 -20.18
N ASP A 461 8.39 24.39 -21.01
CA ASP A 461 8.00 23.67 -22.21
C ASP A 461 7.53 22.26 -21.89
N VAL A 462 6.25 21.98 -22.11
CA VAL A 462 5.67 20.67 -21.81
C VAL A 462 6.34 19.54 -22.62
N GLU A 463 6.63 19.84 -23.87
CA GLU A 463 7.28 18.93 -24.79
C GLU A 463 8.69 18.62 -24.31
N ASP A 464 9.22 19.55 -23.53
CA ASP A 464 10.56 19.44 -22.97
C ASP A 464 10.63 18.44 -21.81
N ILE A 465 9.66 18.50 -20.90
CA ILE A 465 9.64 17.61 -19.74
C ILE A 465 9.15 16.21 -20.08
N ARG A 466 8.50 16.06 -21.23
CA ARG A 466 8.00 14.75 -21.63
C ARG A 466 9.16 13.74 -21.67
N PRO A 467 8.99 12.59 -21.00
CA PRO A 467 10.02 11.55 -20.94
C PRO A 467 10.20 10.77 -22.26
N LYS A 468 11.43 10.74 -22.77
CA LYS A 468 11.74 10.04 -24.01
C LYS A 468 12.79 8.94 -23.83
N GLY A 469 13.18 8.68 -22.59
CA GLY A 469 14.17 7.65 -22.33
C GLY A 469 15.14 8.05 -21.24
N LYS A 470 15.72 9.24 -21.38
CA LYS A 470 16.66 9.77 -20.41
C LYS A 470 15.93 10.81 -19.57
N SER A 471 16.53 11.21 -18.46
CA SER A 471 15.90 12.22 -17.62
C SER A 471 15.87 13.56 -18.35
N PRO A 472 14.71 14.23 -18.35
CA PRO A 472 14.58 15.52 -19.01
C PRO A 472 15.64 16.52 -18.53
N LEU A 473 16.09 16.34 -17.29
CA LEU A 473 17.10 17.23 -16.72
C LEU A 473 18.46 17.06 -17.39
N GLU A 474 18.60 16.03 -18.22
CA GLU A 474 19.86 15.79 -18.92
C GLU A 474 20.03 16.74 -20.10
N ALA A 475 19.01 17.55 -20.37
CA ALA A 475 19.08 18.50 -21.48
C ALA A 475 19.11 19.92 -20.94
N HIS A 476 19.57 20.07 -19.70
CA HIS A 476 19.64 21.38 -19.07
C HIS A 476 20.93 21.65 -18.30
N PRO A 477 22.00 21.99 -19.03
CA PRO A 477 23.31 22.28 -18.43
C PRO A 477 23.23 23.39 -17.39
N GLU A 478 22.24 24.27 -17.54
CA GLU A 478 22.07 25.35 -16.59
C GLU A 478 21.75 24.78 -15.21
N PHE A 479 21.27 23.55 -15.20
CA PHE A 479 20.94 22.89 -13.94
C PHE A 479 22.06 22.03 -13.37
N TYR A 480 22.48 21.02 -14.12
CA TYR A 480 23.51 20.11 -13.63
C TYR A 480 24.94 20.63 -13.57
N GLU A 481 25.32 21.52 -14.48
CA GLU A 481 26.67 22.07 -14.45
C GLU A 481 26.88 22.81 -13.13
N THR A 482 27.75 22.28 -12.30
CA THR A 482 28.02 22.87 -10.99
C THR A 482 29.46 22.57 -10.57
N THR A 483 29.78 22.87 -9.32
CA THR A 483 31.12 22.59 -8.81
C THR A 483 31.08 21.55 -7.72
N CYS A 484 32.16 20.78 -7.61
CA CYS A 484 32.25 19.75 -6.60
C CYS A 484 32.44 20.35 -5.22
N PRO A 485 31.59 19.97 -4.26
CA PRO A 485 31.69 20.50 -2.89
C PRO A 485 32.91 19.99 -2.14
N LYS A 486 33.57 18.98 -2.71
CA LYS A 486 34.74 18.42 -2.06
C LYS A 486 36.05 19.05 -2.54
N CYS A 487 36.34 18.93 -3.83
CA CYS A 487 37.57 19.48 -4.38
C CYS A 487 37.38 20.90 -4.93
N GLY A 488 36.19 21.20 -5.42
CA GLY A 488 35.92 22.54 -5.95
C GLY A 488 35.97 22.67 -7.46
N GLY A 489 36.33 21.58 -8.14
CA GLY A 489 36.40 21.62 -9.58
C GLY A 489 35.03 21.48 -10.22
N PRO A 490 34.96 21.39 -11.56
CA PRO A 490 33.69 21.25 -12.27
C PRO A 490 33.08 19.86 -12.04
N ALA A 491 31.78 19.83 -11.77
CA ALA A 491 31.08 18.57 -11.53
C ALA A 491 29.68 18.61 -12.13
N LYS A 492 28.99 17.48 -12.10
CA LYS A 492 27.65 17.37 -12.66
C LYS A 492 26.63 16.88 -11.64
N ARG A 493 25.56 17.64 -11.43
CA ARG A 493 24.52 17.25 -10.49
C ARG A 493 23.85 15.97 -10.99
N ASP A 494 23.36 15.15 -10.07
CA ASP A 494 22.66 13.93 -10.46
C ASP A 494 21.43 14.43 -11.22
N THR A 495 21.06 13.73 -12.29
CA THR A 495 19.91 14.17 -13.08
C THR A 495 18.64 13.35 -12.91
N ASP A 496 18.67 12.34 -12.04
CA ASP A 496 17.47 11.55 -11.80
C ASP A 496 16.71 12.13 -10.61
N THR A 497 15.42 11.83 -10.50
CA THR A 497 14.61 12.33 -9.40
C THR A 497 14.10 11.17 -8.54
N MET A 498 13.61 11.49 -7.36
CA MET A 498 13.09 10.48 -6.44
C MET A 498 11.66 10.06 -6.76
N ASP A 499 11.40 8.77 -6.66
CA ASP A 499 10.05 8.26 -6.91
C ASP A 499 9.08 8.87 -5.90
N THR A 500 7.80 8.92 -6.27
CA THR A 500 6.76 9.49 -5.43
C THR A 500 6.63 8.83 -4.05
N PHE A 501 6.93 7.55 -3.96
CA PHE A 501 6.82 6.88 -2.68
C PHE A 501 7.82 7.35 -1.63
N PHE A 502 8.81 8.13 -2.05
CA PHE A 502 9.79 8.64 -1.08
C PHE A 502 9.03 9.69 -0.28
N ASP A 503 8.35 10.59 -1.00
CA ASP A 503 7.59 11.67 -0.38
C ASP A 503 6.53 11.17 0.60
N SER A 504 5.81 10.13 0.21
CA SER A 504 4.75 9.59 1.03
C SER A 504 5.17 8.68 2.18
N SER A 505 6.47 8.37 2.25
CA SER A 505 6.95 7.49 3.31
C SER A 505 7.10 8.18 4.66
N TRP A 506 6.93 9.50 4.68
CA TRP A 506 7.03 10.22 5.94
C TRP A 506 6.11 11.44 6.05
N TYR A 507 5.19 11.61 5.10
CA TYR A 507 4.31 12.78 5.16
C TYR A 507 3.54 12.91 6.48
N TYR A 508 3.11 11.77 7.04
CA TYR A 508 2.38 11.79 8.30
C TYR A 508 3.20 12.40 9.44
N LEU A 509 4.52 12.40 9.32
CA LEU A 509 5.36 13.01 10.33
C LEU A 509 5.43 14.52 10.10
N ARG A 510 5.45 14.92 8.83
CA ARG A 510 5.49 16.36 8.52
C ARG A 510 4.24 17.06 9.06
N TYR A 511 3.11 16.36 9.04
CA TYR A 511 1.86 16.94 9.56
C TYR A 511 1.99 17.38 11.01
N THR A 512 2.90 16.76 11.75
CA THR A 512 3.09 17.13 13.15
C THR A 512 3.88 18.42 13.33
N ASP A 513 4.51 18.90 12.26
CA ASP A 513 5.30 20.12 12.32
C ASP A 513 5.54 20.57 10.87
N PRO A 514 4.45 20.93 10.16
CA PRO A 514 4.40 21.37 8.76
C PRO A 514 5.16 22.60 8.32
N HIS A 515 5.58 23.42 9.27
CA HIS A 515 6.28 24.66 8.91
C HIS A 515 7.72 24.75 9.35
N ASN A 516 8.25 23.65 9.91
CA ASN A 516 9.63 23.63 10.38
C ASN A 516 10.58 23.80 9.19
N ASP A 517 11.45 24.82 9.26
CA ASP A 517 12.39 25.05 8.17
C ASP A 517 13.82 24.73 8.57
N ARG A 518 13.98 23.94 9.63
CA ARG A 518 15.31 23.55 10.09
C ARG A 518 15.47 22.04 10.16
N LEU A 519 14.35 21.34 10.32
CA LEU A 519 14.34 19.87 10.37
C LEU A 519 13.08 19.36 9.70
N PRO A 520 13.09 18.09 9.26
CA PRO A 520 11.88 17.56 8.61
C PRO A 520 10.73 17.72 9.60
N PHE A 521 11.08 17.70 10.88
CA PHE A 521 10.12 17.85 11.96
C PHE A 521 10.85 17.83 13.30
N ASP A 522 10.23 18.43 14.32
CA ASP A 522 10.82 18.46 15.65
C ASP A 522 10.40 17.19 16.38
N PRO A 523 11.38 16.40 16.85
CA PRO A 523 11.08 15.15 17.56
C PRO A 523 10.02 15.31 18.65
N GLU A 524 10.09 16.41 19.40
CA GLU A 524 9.14 16.66 20.48
C GLU A 524 7.70 16.73 19.96
N LYS A 525 7.50 17.43 18.86
CA LYS A 525 6.18 17.58 18.26
C LYS A 525 5.67 16.26 17.69
N ALA A 526 6.53 15.57 16.95
CA ALA A 526 6.16 14.28 16.36
C ALA A 526 5.87 13.23 17.42
N ASN A 527 6.72 13.14 18.45
CA ASN A 527 6.52 12.15 19.49
C ASN A 527 5.25 12.38 20.31
N ALA A 528 4.73 13.60 20.28
CA ALA A 528 3.51 13.89 21.01
C ALA A 528 2.28 13.41 20.25
N TRP A 529 2.32 13.51 18.93
CA TRP A 529 1.20 13.09 18.09
C TRP A 529 1.25 11.65 17.60
N MET A 530 2.45 11.10 17.50
CA MET A 530 2.61 9.73 17.03
C MET A 530 2.35 8.73 18.15
N PRO A 531 2.01 7.49 17.80
CA PRO A 531 1.87 7.04 16.42
C PRO A 531 0.45 7.36 15.93
N VAL A 532 0.19 7.08 14.65
CA VAL A 532 -1.14 7.31 14.11
C VAL A 532 -2.05 6.29 14.80
N ASP A 533 -3.09 6.78 15.47
CA ASP A 533 -4.00 5.88 16.17
C ASP A 533 -4.87 5.09 15.22
N GLN A 534 -5.32 5.72 14.14
CA GLN A 534 -6.13 5.04 13.16
C GLN A 534 -5.82 5.56 11.76
N TYR A 535 -5.32 4.66 10.92
CA TYR A 535 -4.96 5.00 9.56
C TYR A 535 -5.97 4.28 8.68
N ILE A 536 -6.52 4.99 7.69
CA ILE A 536 -7.52 4.43 6.79
C ILE A 536 -7.08 4.61 5.34
N GLY A 537 -7.00 3.51 4.59
CA GLY A 537 -6.58 3.58 3.21
C GLY A 537 -6.67 2.24 2.50
N GLY A 538 -6.56 2.26 1.17
CA GLY A 538 -6.65 1.05 0.36
C GLY A 538 -5.59 -0.02 0.51
N VAL A 539 -6.01 -1.28 0.38
CA VAL A 539 -5.10 -2.42 0.50
C VAL A 539 -4.10 -2.49 -0.65
N GLU A 540 -4.35 -1.73 -1.72
CA GLU A 540 -3.44 -1.73 -2.86
C GLU A 540 -2.04 -1.28 -2.45
N HIS A 541 -1.92 -0.70 -1.26
CA HIS A 541 -0.64 -0.22 -0.77
C HIS A 541 0.09 -1.17 0.19
N ALA A 542 -0.42 -2.41 0.30
CA ALA A 542 0.16 -3.42 1.19
C ALA A 542 1.69 -3.55 1.15
N VAL A 543 2.27 -3.70 -0.05
CA VAL A 543 3.72 -3.83 -0.14
C VAL A 543 4.38 -2.60 -0.76
N LEU A 544 3.61 -1.53 -0.88
CA LEU A 544 4.16 -0.28 -1.42
C LEU A 544 4.29 0.68 -0.24
N HIS A 545 3.42 1.67 -0.22
CA HIS A 545 3.42 2.68 0.84
C HIS A 545 3.43 2.12 2.27
N LEU A 546 2.63 1.08 2.52
CA LEU A 546 2.53 0.50 3.85
C LEU A 546 3.80 -0.25 4.29
N LEU A 547 4.69 -0.51 3.35
CA LEU A 547 5.96 -1.18 3.65
C LEU A 547 7.06 -0.11 3.76
N TYR A 548 7.17 0.73 2.72
CA TYR A 548 8.16 1.80 2.69
C TYR A 548 8.08 2.70 3.92
N SER A 549 6.87 3.02 4.34
CA SER A 549 6.64 3.88 5.51
C SER A 549 7.21 3.30 6.79
N ARG A 550 7.04 1.99 6.97
CA ARG A 550 7.56 1.35 8.17
C ARG A 550 9.09 1.44 8.18
N PHE A 551 9.68 1.31 7.00
CA PHE A 551 11.13 1.40 6.86
C PHE A 551 11.60 2.82 7.23
N PHE A 552 10.96 3.83 6.67
CA PHE A 552 11.33 5.21 6.98
C PHE A 552 11.21 5.51 8.47
N THR A 553 10.14 5.02 9.09
CA THR A 553 9.94 5.27 10.52
C THR A 553 11.02 4.57 11.36
N LYS A 554 11.37 3.35 10.99
CA LYS A 554 12.40 2.64 11.74
C LYS A 554 13.73 3.35 11.57
N PHE A 555 14.00 3.85 10.37
CA PHE A 555 15.25 4.58 10.13
C PHE A 555 15.30 5.88 10.94
N LEU A 556 14.22 6.66 10.89
CA LEU A 556 14.16 7.92 11.61
C LEU A 556 14.24 7.66 13.10
N HIS A 557 13.74 6.51 13.54
CA HIS A 557 13.78 6.13 14.94
C HIS A 557 15.25 5.90 15.30
N ASP A 558 15.96 5.15 14.45
CA ASP A 558 17.37 4.88 14.69
C ASP A 558 18.19 6.17 14.72
N LEU A 559 17.71 7.21 14.04
CA LEU A 559 18.40 8.49 14.03
C LEU A 559 18.13 9.21 15.35
N GLY A 560 17.14 8.71 16.09
CA GLY A 560 16.77 9.30 17.37
C GLY A 560 15.74 10.40 17.22
N MET A 561 15.09 10.47 16.07
CA MET A 561 14.08 11.50 15.83
C MET A 561 12.66 11.08 16.15
N VAL A 562 12.41 9.78 16.18
CA VAL A 562 11.08 9.26 16.46
C VAL A 562 11.14 8.16 17.53
N LYS A 563 10.31 8.27 18.56
CA LYS A 563 10.30 7.26 19.62
C LYS A 563 9.74 5.91 19.18
N VAL A 564 8.60 5.91 18.49
CA VAL A 564 8.00 4.65 18.04
C VAL A 564 8.76 4.04 16.87
N GLU A 565 8.52 2.76 16.62
CA GLU A 565 9.16 2.06 15.51
C GLU A 565 8.14 1.62 14.47
N GLU A 566 6.88 1.91 14.75
CA GLU A 566 5.78 1.59 13.85
C GLU A 566 4.94 2.87 13.77
N PRO A 567 4.84 3.44 12.56
CA PRO A 567 4.08 4.68 12.36
C PRO A 567 2.56 4.60 12.54
N PHE A 568 1.97 3.47 12.15
CA PHE A 568 0.53 3.30 12.23
C PHE A 568 0.13 2.19 13.20
N GLN A 569 -0.27 2.57 14.41
CA GLN A 569 -0.67 1.62 15.45
C GLN A 569 -1.90 0.84 15.00
N GLY A 570 -2.81 1.52 14.31
CA GLY A 570 -4.02 0.87 13.82
C GLY A 570 -4.20 1.19 12.36
N LEU A 571 -4.53 0.17 11.57
CA LEU A 571 -4.75 0.34 10.14
C LEU A 571 -6.06 -0.33 9.77
N PHE A 572 -6.87 0.37 8.99
CA PHE A 572 -8.14 -0.17 8.54
C PHE A 572 -8.17 0.02 7.04
N THR A 573 -8.26 -1.07 6.28
CA THR A 573 -8.33 -0.97 4.84
C THR A 573 -9.80 -0.98 4.44
N GLN A 574 -10.25 0.10 3.80
CA GLN A 574 -11.65 0.20 3.40
C GLN A 574 -11.91 -0.48 2.06
N GLY A 575 -13.09 -1.10 1.94
CA GLY A 575 -13.45 -1.76 0.71
C GLY A 575 -13.67 -0.71 -0.35
N MET A 576 -13.58 -1.09 -1.62
CA MET A 576 -13.77 -0.15 -2.72
C MET A 576 -15.23 0.15 -2.97
N VAL A 577 -15.50 1.36 -3.46
CA VAL A 577 -16.86 1.75 -3.81
C VAL A 577 -16.99 1.39 -5.28
N LEU A 578 -18.04 0.64 -5.61
CA LEU A 578 -18.29 0.22 -6.99
C LEU A 578 -19.52 0.95 -7.54
N ALA A 579 -19.67 0.94 -8.86
CA ALA A 579 -20.81 1.58 -9.51
C ALA A 579 -21.27 0.70 -10.67
N TRP A 580 -22.59 0.60 -10.86
CA TRP A 580 -23.10 -0.22 -11.97
C TRP A 580 -22.56 0.37 -13.25
N THR A 581 -21.94 -0.48 -14.07
CA THR A 581 -21.31 -0.06 -15.31
C THR A 581 -21.83 -0.89 -16.48
N ASP A 582 -22.09 -0.22 -17.60
CA ASP A 582 -22.58 -0.88 -18.81
C ASP A 582 -21.38 -1.37 -19.61
N PHE A 583 -21.28 -2.68 -19.80
CA PHE A 583 -20.16 -3.24 -20.54
C PHE A 583 -20.45 -3.48 -22.02
N GLY A 584 -21.70 -3.32 -22.42
CA GLY A 584 -22.03 -3.50 -23.81
C GLY A 584 -23.07 -4.56 -24.11
N PRO A 585 -23.52 -4.64 -25.37
CA PRO A 585 -24.52 -5.62 -25.82
C PRO A 585 -24.08 -7.07 -25.77
N VAL A 586 -25.06 -7.95 -25.64
CA VAL A 586 -24.82 -9.39 -25.62
C VAL A 586 -26.00 -10.03 -26.32
N GLU A 587 -25.91 -11.33 -26.56
CA GLU A 587 -26.99 -12.07 -27.21
C GLU A 587 -27.24 -13.31 -26.37
N VAL A 588 -28.50 -13.58 -26.06
CA VAL A 588 -28.83 -14.73 -25.25
C VAL A 588 -29.54 -15.80 -26.07
N GLU A 589 -29.14 -17.04 -25.86
CA GLU A 589 -29.73 -18.19 -26.55
C GLU A 589 -29.78 -19.30 -25.52
N GLY A 590 -30.98 -19.58 -25.02
CA GLY A 590 -31.11 -20.61 -24.01
C GLY A 590 -30.40 -20.13 -22.76
N SER A 591 -29.53 -20.97 -22.20
CA SER A 591 -28.81 -20.62 -20.98
C SER A 591 -27.45 -19.99 -21.29
N VAL A 592 -27.14 -19.79 -22.57
CA VAL A 592 -25.85 -19.23 -22.96
C VAL A 592 -25.87 -17.80 -23.49
N VAL A 593 -25.06 -16.96 -22.87
CA VAL A 593 -24.94 -15.56 -23.27
C VAL A 593 -23.69 -15.38 -24.12
N ARG A 594 -23.86 -14.94 -25.36
CA ARG A 594 -22.74 -14.70 -26.25
C ARG A 594 -22.23 -13.28 -26.08
N LEU A 595 -20.91 -13.14 -25.94
CA LEU A 595 -20.29 -11.83 -25.75
C LEU A 595 -19.48 -11.40 -26.96
N PRO A 596 -19.96 -10.37 -27.70
CA PRO A 596 -19.20 -9.90 -28.87
C PRO A 596 -17.85 -9.36 -28.39
N GLU A 597 -16.87 -9.32 -29.28
CA GLU A 597 -15.53 -8.86 -28.92
C GLU A 597 -15.44 -7.57 -28.11
N PRO A 598 -16.12 -6.49 -28.56
CA PRO A 598 -16.04 -5.24 -27.79
C PRO A 598 -16.46 -5.42 -26.33
N THR A 599 -17.57 -6.10 -26.11
CA THR A 599 -18.09 -6.34 -24.77
C THR A 599 -17.13 -7.19 -23.94
N ARG A 600 -16.67 -8.30 -24.52
CA ARG A 600 -15.74 -9.19 -23.82
C ARG A 600 -14.48 -8.44 -23.39
N ILE A 601 -13.94 -7.64 -24.30
CA ILE A 601 -12.72 -6.89 -24.00
C ILE A 601 -12.92 -5.87 -22.89
N ARG A 602 -14.07 -5.20 -22.86
CA ARG A 602 -14.33 -4.23 -21.79
C ARG A 602 -14.42 -4.96 -20.47
N LEU A 603 -14.99 -6.16 -20.48
CA LEU A 603 -15.13 -6.96 -19.26
C LEU A 603 -13.78 -7.54 -18.85
N GLU A 604 -12.83 -7.61 -19.78
CA GLU A 604 -11.50 -8.14 -19.51
C GLU A 604 -11.52 -9.58 -19.01
N ILE A 605 -12.27 -10.43 -19.72
CA ILE A 605 -12.36 -11.85 -19.38
C ILE A 605 -12.11 -12.63 -20.67
N PRO A 606 -11.65 -13.89 -20.54
CA PRO A 606 -11.39 -14.70 -21.73
C PRO A 606 -12.61 -15.40 -22.35
N GLU A 607 -13.71 -15.45 -21.62
CA GLU A 607 -14.92 -16.12 -22.13
C GLU A 607 -15.68 -15.34 -23.20
N SER A 608 -16.02 -16.02 -24.29
CA SER A 608 -16.80 -15.41 -25.37
C SER A 608 -18.23 -15.87 -25.16
N ALA A 609 -18.40 -16.77 -24.19
CA ALA A 609 -19.70 -17.31 -23.83
C ALA A 609 -19.79 -17.49 -22.32
N LEU A 610 -20.92 -17.07 -21.76
CA LEU A 610 -21.17 -17.20 -20.32
C LEU A 610 -22.58 -17.76 -20.12
N SER A 611 -22.75 -18.59 -19.11
CA SER A 611 -24.09 -19.13 -18.85
C SER A 611 -24.82 -18.06 -18.04
N LEU A 612 -26.14 -18.13 -17.97
CA LEU A 612 -26.90 -17.16 -17.20
C LEU A 612 -26.42 -17.23 -15.75
N GLU A 613 -26.06 -18.44 -15.32
CA GLU A 613 -25.57 -18.64 -13.95
C GLU A 613 -24.23 -17.90 -13.76
N ASP A 614 -23.36 -17.95 -14.77
CA ASP A 614 -22.06 -17.27 -14.69
C ASP A 614 -22.27 -15.76 -14.52
N VAL A 615 -23.24 -15.21 -15.26
CA VAL A 615 -23.55 -13.78 -15.19
C VAL A 615 -24.03 -13.40 -13.78
N ARG A 616 -24.92 -14.22 -13.24
CA ARG A 616 -25.44 -13.97 -11.89
C ARG A 616 -24.32 -14.03 -10.86
N LYS A 617 -23.52 -15.09 -10.93
CA LYS A 617 -22.43 -15.30 -9.99
C LYS A 617 -21.41 -14.18 -9.95
N MET A 618 -21.14 -13.53 -11.08
CA MET A 618 -20.18 -12.44 -11.09
C MET A 618 -20.82 -11.11 -10.71
N GLY A 619 -22.09 -11.17 -10.30
CA GLY A 619 -22.79 -9.96 -9.90
C GLY A 619 -23.29 -9.08 -11.03
N ALA A 620 -23.42 -9.65 -12.22
CA ALA A 620 -23.88 -8.89 -13.37
C ALA A 620 -25.36 -9.17 -13.68
N GLU A 621 -25.93 -8.37 -14.57
CA GLU A 621 -27.32 -8.54 -14.97
C GLU A 621 -27.52 -8.00 -16.38
N LEU A 622 -28.52 -8.52 -17.07
CA LEU A 622 -28.81 -8.08 -18.43
C LEU A 622 -30.00 -7.12 -18.42
N ARG A 623 -29.80 -5.93 -18.99
CA ARG A 623 -30.85 -4.93 -19.02
C ARG A 623 -31.23 -4.54 -20.45
N PRO A 624 -32.54 -4.46 -20.74
CA PRO A 624 -32.98 -4.09 -22.08
C PRO A 624 -32.48 -2.68 -22.37
N HIS A 625 -32.00 -2.45 -23.59
CA HIS A 625 -31.49 -1.14 -23.96
C HIS A 625 -32.38 -0.59 -25.07
N GLU A 626 -32.33 0.72 -25.30
CA GLU A 626 -33.16 1.33 -26.34
C GLU A 626 -32.63 1.04 -27.73
N ASP A 627 -31.41 0.52 -27.82
CA ASP A 627 -30.83 0.20 -29.12
C ASP A 627 -31.39 -1.15 -29.60
N GLY A 628 -32.44 -1.60 -28.93
CA GLY A 628 -33.08 -2.86 -29.30
C GLY A 628 -32.38 -4.12 -28.82
N THR A 629 -31.28 -3.97 -28.08
CA THR A 629 -30.56 -5.14 -27.59
C THR A 629 -30.45 -5.18 -26.07
N LEU A 630 -29.87 -6.26 -25.58
CA LEU A 630 -29.66 -6.46 -24.15
C LEU A 630 -28.20 -6.14 -23.84
N HIS A 631 -27.97 -5.34 -22.81
CA HIS A 631 -26.60 -5.00 -22.41
C HIS A 631 -26.27 -5.65 -21.08
N LEU A 632 -25.00 -6.01 -20.91
CA LEU A 632 -24.57 -6.62 -19.67
C LEU A 632 -24.03 -5.52 -18.74
N TRP A 633 -24.65 -5.38 -17.57
CA TRP A 633 -24.23 -4.39 -16.58
C TRP A 633 -23.62 -5.10 -15.39
N LYS A 634 -22.62 -4.47 -14.77
CA LYS A 634 -21.97 -5.07 -13.62
C LYS A 634 -21.28 -4.00 -12.77
N PRO A 635 -21.31 -4.14 -11.44
CA PRO A 635 -20.65 -3.16 -10.58
C PRO A 635 -19.16 -3.24 -10.84
N ALA A 636 -18.51 -2.10 -11.06
CA ALA A 636 -17.08 -2.04 -11.31
C ALA A 636 -16.51 -0.97 -10.39
N VAL A 637 -15.26 -1.15 -9.96
CA VAL A 637 -14.64 -0.17 -9.06
C VAL A 637 -14.78 1.23 -9.62
N MET A 638 -15.24 2.14 -8.79
CA MET A 638 -15.44 3.52 -9.20
C MET A 638 -14.08 4.16 -9.48
N SER A 639 -13.88 4.62 -10.71
CA SER A 639 -12.64 5.25 -11.10
C SER A 639 -12.79 5.96 -12.43
N LYS A 640 -11.82 6.81 -12.75
CA LYS A 640 -11.84 7.56 -13.99
C LYS A 640 -11.75 6.65 -15.21
N SER A 641 -10.85 5.68 -15.15
CA SER A 641 -10.66 4.74 -16.25
C SER A 641 -11.98 4.08 -16.65
N LYS A 642 -12.82 3.76 -15.66
CA LYS A 642 -14.10 3.13 -15.92
C LYS A 642 -15.15 4.15 -16.33
N GLY A 643 -14.88 5.42 -16.07
CA GLY A 643 -15.83 6.47 -16.42
C GLY A 643 -17.16 6.29 -15.69
N ASN A 644 -17.12 5.70 -14.49
CA ASN A 644 -18.32 5.48 -13.70
C ASN A 644 -18.27 6.22 -12.36
N GLY A 645 -17.43 7.24 -12.29
CA GLY A 645 -17.31 7.99 -11.05
C GLY A 645 -18.50 8.89 -10.75
N VAL A 646 -18.88 8.96 -9.48
CA VAL A 646 -19.96 9.83 -9.05
C VAL A 646 -19.24 10.99 -8.38
N MET A 647 -19.21 12.14 -9.03
CA MET A 647 -18.52 13.32 -8.50
C MET A 647 -19.31 14.03 -7.40
N VAL A 648 -18.59 14.62 -6.44
CA VAL A 648 -19.21 15.30 -5.32
C VAL A 648 -20.02 16.54 -5.71
N GLY A 649 -19.41 17.46 -6.43
CA GLY A 649 -20.07 18.67 -6.85
C GLY A 649 -21.49 18.51 -7.36
N PRO A 650 -21.68 17.79 -8.48
CA PRO A 650 -23.02 17.57 -9.06
C PRO A 650 -23.98 16.83 -8.13
N PHE A 651 -23.46 15.87 -7.36
CA PHE A 651 -24.34 15.12 -6.47
C PHE A 651 -24.88 15.96 -5.30
N VAL A 652 -24.00 16.69 -4.60
CA VAL A 652 -24.46 17.49 -3.47
C VAL A 652 -25.35 18.64 -3.91
N LYS A 653 -25.17 19.10 -5.14
CA LYS A 653 -25.98 20.20 -5.66
C LYS A 653 -27.41 19.73 -5.88
N GLU A 654 -27.56 18.54 -6.47
CA GLU A 654 -28.88 17.98 -6.73
C GLU A 654 -29.48 17.31 -5.50
N GLN A 655 -28.64 16.67 -4.69
CA GLN A 655 -29.11 15.98 -3.50
C GLN A 655 -28.59 16.69 -2.24
N GLY A 656 -27.45 16.24 -1.72
CA GLY A 656 -26.89 16.87 -0.53
C GLY A 656 -25.74 16.09 0.07
N ALA A 657 -25.00 16.73 0.97
CA ALA A 657 -23.85 16.11 1.62
C ALA A 657 -24.23 15.01 2.61
N ASP A 658 -25.15 15.28 3.53
CA ASP A 658 -25.53 14.26 4.51
C ASP A 658 -26.14 13.04 3.80
N ILE A 659 -26.82 13.28 2.68
CA ILE A 659 -27.42 12.20 1.92
C ILE A 659 -26.32 11.28 1.38
N ALA A 660 -25.27 11.89 0.85
CA ALA A 660 -24.14 11.14 0.31
C ALA A 660 -23.40 10.41 1.42
N ARG A 661 -23.24 11.07 2.57
CA ARG A 661 -22.54 10.49 3.71
C ARG A 661 -23.25 9.26 4.26
N ILE A 662 -24.56 9.35 4.43
CA ILE A 662 -25.35 8.23 4.93
C ILE A 662 -25.37 7.10 3.90
N THR A 663 -25.48 7.47 2.63
CA THR A 663 -25.50 6.46 1.55
C THR A 663 -24.22 5.63 1.65
N ILE A 664 -23.08 6.29 1.82
CA ILE A 664 -21.82 5.58 1.92
C ILE A 664 -21.67 4.75 3.19
N LEU A 665 -21.91 5.40 4.33
CA LEU A 665 -21.75 4.76 5.63
C LEU A 665 -22.70 3.63 5.97
N PHE A 666 -23.88 3.64 5.37
CA PHE A 666 -24.86 2.60 5.67
C PHE A 666 -24.88 1.44 4.67
N ALA A 667 -24.24 1.63 3.51
CA ALA A 667 -24.25 0.61 2.48
C ALA A 667 -23.79 -0.78 2.93
N ALA A 668 -22.71 -0.85 3.69
CA ALA A 668 -22.19 -2.12 4.16
C ALA A 668 -21.02 -1.93 5.12
N PRO A 669 -20.50 -3.02 5.71
CA PRO A 669 -19.36 -2.83 6.61
C PRO A 669 -18.30 -2.12 5.78
N PRO A 670 -17.64 -1.11 6.37
CA PRO A 670 -16.61 -0.36 5.64
C PRO A 670 -15.44 -1.15 5.07
N GLU A 671 -15.12 -2.30 5.66
CA GLU A 671 -14.01 -3.12 5.17
C GLU A 671 -14.43 -3.85 3.91
N ASN A 672 -15.74 -3.94 3.67
CA ASN A 672 -16.25 -4.63 2.49
C ASN A 672 -16.44 -3.65 1.35
N GLU A 673 -16.59 -4.17 0.13
CA GLU A 673 -16.84 -3.32 -1.02
C GLU A 673 -18.31 -2.93 -0.91
N MET A 674 -18.71 -1.89 -1.63
CA MET A 674 -20.09 -1.46 -1.62
C MET A 674 -20.42 -0.96 -3.00
N VAL A 675 -21.71 -0.98 -3.34
CA VAL A 675 -22.12 -0.48 -4.63
C VAL A 675 -22.95 0.78 -4.40
N TRP A 676 -22.57 1.85 -5.07
CA TRP A 676 -23.29 3.11 -4.97
C TRP A 676 -24.55 2.92 -5.80
N THR A 677 -25.71 3.07 -5.18
CA THR A 677 -26.98 2.90 -5.89
C THR A 677 -28.05 3.93 -5.54
N GLU A 678 -29.02 4.05 -6.44
CA GLU A 678 -30.16 4.95 -6.27
C GLU A 678 -30.96 4.50 -5.05
N GLU A 679 -31.10 3.18 -4.87
CA GLU A 679 -31.84 2.66 -3.72
C GLU A 679 -31.18 3.13 -2.44
N GLY A 680 -29.85 3.17 -2.44
CA GLY A 680 -29.12 3.61 -1.26
C GLY A 680 -29.35 5.09 -1.02
N VAL A 681 -29.34 5.89 -2.09
CA VAL A 681 -29.57 7.32 -1.98
C VAL A 681 -30.99 7.57 -1.44
N GLN A 682 -31.97 6.84 -1.99
CA GLN A 682 -33.35 6.99 -1.54
C GLN A 682 -33.47 6.61 -0.08
N GLY A 683 -32.69 5.62 0.34
CA GLY A 683 -32.70 5.18 1.73
C GLY A 683 -32.18 6.27 2.64
N ALA A 684 -31.15 6.97 2.21
CA ALA A 684 -30.57 8.05 3.00
C ALA A 684 -31.62 9.15 3.18
N TRP A 685 -32.29 9.50 2.08
CA TRP A 685 -33.36 10.51 2.12
C TRP A 685 -34.43 10.12 3.14
N ARG A 686 -34.92 8.89 3.05
CA ARG A 686 -35.96 8.42 3.96
C ARG A 686 -35.57 8.56 5.43
N PHE A 687 -34.33 8.22 5.75
CA PHE A 687 -33.84 8.30 7.12
C PHE A 687 -33.74 9.76 7.59
N LEU A 688 -33.09 10.61 6.81
CA LEU A 688 -32.94 12.00 7.18
C LEU A 688 -34.32 12.72 7.28
N ASN A 689 -35.22 12.41 6.35
CA ASN A 689 -36.55 13.01 6.36
C ASN A 689 -37.31 12.59 7.64
N ARG A 690 -37.12 11.34 8.04
CA ARG A 690 -37.79 10.81 9.24
C ARG A 690 -37.27 11.45 10.52
N ILE A 691 -35.98 11.78 10.55
CA ILE A 691 -35.39 12.44 11.72
C ILE A 691 -35.96 13.86 11.81
N TYR A 692 -35.89 14.58 10.69
CA TYR A 692 -36.40 15.95 10.65
C TYR A 692 -37.87 16.01 11.06
N ARG A 693 -38.68 15.14 10.48
CA ARG A 693 -40.11 15.11 10.77
C ARG A 693 -40.45 14.91 12.23
N ARG A 694 -39.69 14.04 12.90
CA ARG A 694 -39.90 13.75 14.31
C ARG A 694 -39.62 14.99 15.18
N VAL A 695 -38.53 15.68 14.87
CA VAL A 695 -38.16 16.86 15.64
C VAL A 695 -39.09 18.04 15.33
N ALA A 696 -39.42 18.24 14.05
CA ALA A 696 -40.31 19.33 13.66
C ALA A 696 -41.69 19.18 14.28
N GLU A 697 -42.18 17.95 14.31
CA GLU A 697 -43.50 17.66 14.87
C GLU A 697 -43.56 18.07 16.35
N ASP A 698 -42.47 17.84 17.07
CA ASP A 698 -42.42 18.15 18.50
C ASP A 698 -41.69 19.43 18.87
N ARG A 699 -41.31 20.22 17.88
CA ARG A 699 -40.56 21.44 18.13
C ARG A 699 -41.19 22.38 19.16
N GLU A 700 -42.45 22.70 18.96
CA GLU A 700 -43.17 23.60 19.87
C GLU A 700 -43.18 23.06 21.30
N ALA A 701 -43.56 21.81 21.47
CA ALA A 701 -43.61 21.21 22.79
C ALA A 701 -42.22 21.12 23.42
N LEU A 702 -41.23 20.74 22.63
CA LEU A 702 -39.86 20.61 23.12
C LEU A 702 -39.36 21.94 23.70
N LEU A 703 -39.69 23.03 23.01
CA LEU A 703 -39.28 24.37 23.44
C LEU A 703 -39.81 24.74 24.82
N GLU A 704 -41.00 24.26 25.16
CA GLU A 704 -41.60 24.57 26.45
C GLU A 704 -41.30 23.53 27.53
N THR A 705 -40.39 22.61 27.23
CA THR A 705 -40.03 21.56 28.19
C THR A 705 -38.57 21.62 28.60
N SER A 706 -38.31 21.22 29.83
CA SER A 706 -36.94 21.18 30.36
C SER A 706 -36.43 19.76 30.18
N GLY A 707 -35.11 19.61 30.08
CA GLY A 707 -34.54 18.28 29.91
C GLY A 707 -34.12 17.64 31.21
N VAL A 708 -34.36 18.33 32.32
CA VAL A 708 -33.99 17.83 33.64
C VAL A 708 -35.01 16.84 34.21
N PHE A 709 -34.50 15.74 34.76
CA PHE A 709 -35.36 14.73 35.36
C PHE A 709 -34.51 13.79 36.21
N GLN A 710 -35.18 12.97 37.02
CA GLN A 710 -34.50 11.99 37.87
C GLN A 710 -34.78 10.61 37.28
N ALA A 711 -33.74 9.95 36.78
CA ALA A 711 -33.87 8.64 36.16
C ALA A 711 -34.60 7.62 37.03
N GLU A 712 -34.25 7.57 38.31
CA GLU A 712 -34.85 6.62 39.23
C GLU A 712 -36.32 6.90 39.52
N ALA A 713 -36.81 8.05 39.07
CA ALA A 713 -38.22 8.38 39.29
C ALA A 713 -39.05 8.09 38.04
N LEU A 714 -38.40 7.62 36.98
CA LEU A 714 -39.11 7.31 35.75
C LEU A 714 -39.90 6.03 35.89
N GLU A 715 -41.03 5.94 35.18
CA GLU A 715 -41.87 4.75 35.24
C GLU A 715 -42.45 4.46 33.85
N GLY A 716 -42.94 3.24 33.66
CA GLY A 716 -43.54 2.85 32.40
C GLY A 716 -42.70 3.08 31.16
N LYS A 717 -43.34 3.64 30.13
CA LYS A 717 -42.65 3.91 28.87
C LYS A 717 -41.49 4.90 29.03
N ASP A 718 -41.58 5.79 30.02
CA ASP A 718 -40.50 6.75 30.25
C ASP A 718 -39.23 6.01 30.66
N ARG A 719 -39.38 5.06 31.57
CA ARG A 719 -38.23 4.27 32.05
C ARG A 719 -37.71 3.38 30.93
N GLU A 720 -38.62 2.87 30.11
CA GLU A 720 -38.26 2.01 28.99
C GLU A 720 -37.43 2.82 27.98
N LEU A 721 -37.89 4.02 27.63
CA LEU A 721 -37.17 4.86 26.68
C LEU A 721 -35.77 5.16 27.22
N TYR A 722 -35.68 5.44 28.51
CA TYR A 722 -34.38 5.75 29.13
C TYR A 722 -33.41 4.60 28.95
N GLY A 723 -33.91 3.37 29.08
CA GLY A 723 -33.06 2.20 28.93
C GLY A 723 -32.60 2.03 27.50
N LYS A 724 -33.53 2.23 26.55
CA LYS A 724 -33.21 2.10 25.13
C LYS A 724 -32.22 3.19 24.71
N LEU A 725 -32.37 4.37 25.29
CA LEU A 725 -31.47 5.47 24.97
C LEU A 725 -30.03 5.09 25.31
N HIS A 726 -29.80 4.58 26.51
CA HIS A 726 -28.45 4.20 26.89
C HIS A 726 -27.95 2.94 26.21
N GLU A 727 -28.85 2.02 25.89
CA GLU A 727 -28.46 0.82 25.17
C GLU A 727 -27.95 1.28 23.80
N THR A 728 -28.64 2.27 23.23
CA THR A 728 -28.26 2.81 21.93
C THR A 728 -26.91 3.54 22.02
N LEU A 729 -26.75 4.37 23.06
CA LEU A 729 -25.50 5.10 23.24
C LEU A 729 -24.30 4.15 23.29
N LYS A 730 -24.43 3.07 24.08
CA LYS A 730 -23.37 2.10 24.21
C LYS A 730 -23.04 1.46 22.86
N LYS A 731 -24.07 1.05 22.13
CA LYS A 731 -23.89 0.41 20.83
C LYS A 731 -23.20 1.35 19.83
N VAL A 732 -23.71 2.57 19.72
CA VAL A 732 -23.13 3.55 18.79
C VAL A 732 -21.69 3.91 19.16
N THR A 733 -21.41 4.09 20.44
CA THR A 733 -20.07 4.44 20.89
C THR A 733 -19.06 3.32 20.57
N GLU A 734 -19.42 2.08 20.87
CA GLU A 734 -18.52 0.96 20.61
C GLU A 734 -18.36 0.70 19.12
N ASP A 735 -19.42 0.91 18.37
CA ASP A 735 -19.35 0.71 16.92
C ASP A 735 -18.42 1.76 16.31
N LEU A 736 -18.51 2.99 16.80
CA LEU A 736 -17.65 4.05 16.28
C LEU A 736 -16.18 3.75 16.54
N GLU A 737 -15.89 3.24 17.74
CA GLU A 737 -14.52 2.92 18.12
C GLU A 737 -13.93 1.80 17.26
N ALA A 738 -14.78 0.89 16.79
CA ALA A 738 -14.33 -0.22 15.95
C ALA A 738 -14.56 0.04 14.46
N LEU A 739 -14.99 1.25 14.13
CA LEU A 739 -15.27 1.61 12.74
C LEU A 739 -16.37 0.75 12.12
N ARG A 740 -17.38 0.39 12.91
CA ARG A 740 -18.51 -0.37 12.41
C ARG A 740 -19.60 0.67 12.16
N PHE A 741 -19.34 1.58 11.23
CA PHE A 741 -20.24 2.68 10.92
C PHE A 741 -21.64 2.31 10.46
N ASN A 742 -21.75 1.32 9.59
CA ASN A 742 -23.08 0.94 9.11
C ASN A 742 -23.96 0.43 10.25
N THR A 743 -23.40 -0.33 11.18
CA THR A 743 -24.22 -0.83 12.28
C THR A 743 -24.54 0.27 13.29
N ALA A 744 -23.69 1.28 13.39
CA ALA A 744 -23.96 2.39 14.30
C ALA A 744 -25.19 3.14 13.77
N ILE A 745 -25.26 3.29 12.45
CA ILE A 745 -26.39 3.97 11.81
C ILE A 745 -27.65 3.11 12.00
N ALA A 746 -27.50 1.79 11.88
CA ALA A 746 -28.65 0.90 12.06
C ALA A 746 -29.21 1.10 13.48
N ALA A 747 -28.32 1.28 14.45
CA ALA A 747 -28.75 1.49 15.84
C ALA A 747 -29.52 2.80 15.98
N LEU A 748 -29.11 3.83 15.25
CA LEU A 748 -29.81 5.11 15.31
C LEU A 748 -31.17 5.01 14.62
N MET A 749 -31.24 4.22 13.54
CA MET A 749 -32.50 4.03 12.83
C MET A 749 -33.47 3.31 13.76
N GLU A 750 -32.95 2.30 14.46
CA GLU A 750 -33.74 1.53 15.40
C GLU A 750 -34.23 2.40 16.56
N PHE A 751 -33.34 3.23 17.12
CA PHE A 751 -33.76 4.08 18.23
C PHE A 751 -34.73 5.15 17.74
N LEU A 752 -34.60 5.59 16.49
CA LEU A 752 -35.52 6.59 15.97
C LEU A 752 -36.92 5.98 15.94
N ASN A 753 -37.01 4.69 15.56
CA ASN A 753 -38.31 4.00 15.55
C ASN A 753 -38.86 3.96 16.97
N ALA A 754 -37.98 3.82 17.95
CA ALA A 754 -38.40 3.76 19.35
C ALA A 754 -38.97 5.11 19.78
N LEU A 755 -38.44 6.20 19.22
CA LEU A 755 -38.94 7.53 19.54
C LEU A 755 -40.35 7.69 18.98
N TYR A 756 -40.57 7.22 17.76
CA TYR A 756 -41.90 7.30 17.15
C TYR A 756 -42.88 6.46 17.98
N GLU A 757 -42.46 5.25 18.37
CA GLU A 757 -43.31 4.36 19.17
C GLU A 757 -43.64 5.02 20.51
N TYR A 758 -42.62 5.62 21.13
CA TYR A 758 -42.79 6.29 22.41
C TYR A 758 -43.87 7.37 22.33
N ARG A 759 -43.78 8.21 21.31
CA ARG A 759 -44.73 9.31 21.15
C ARG A 759 -46.17 8.89 20.87
N LYS A 760 -46.39 7.63 20.51
CA LYS A 760 -47.76 7.17 20.28
C LYS A 760 -48.50 7.14 21.62
N ASP A 761 -47.75 6.84 22.68
CA ASP A 761 -48.32 6.74 24.02
C ASP A 761 -48.03 7.91 24.95
N ARG A 762 -46.82 8.46 24.83
CA ARG A 762 -46.40 9.53 25.71
C ARG A 762 -46.20 10.87 25.02
N PRO A 763 -46.32 11.97 25.79
CA PRO A 763 -46.14 13.30 25.23
C PRO A 763 -44.67 13.67 25.28
N VAL A 764 -44.35 14.88 24.85
CA VAL A 764 -42.99 15.37 24.89
C VAL A 764 -42.65 15.60 26.36
N THR A 765 -41.78 14.76 26.90
CA THR A 765 -41.38 14.86 28.31
C THR A 765 -39.91 15.23 28.45
N PRO A 766 -39.48 15.52 29.68
CA PRO A 766 -38.08 15.88 29.92
C PRO A 766 -37.13 14.78 29.45
N VAL A 767 -37.46 13.53 29.76
CA VAL A 767 -36.63 12.41 29.35
C VAL A 767 -36.63 12.33 27.81
N TYR A 768 -37.76 12.62 27.19
CA TYR A 768 -37.85 12.59 25.72
C TYR A 768 -36.97 13.70 25.15
N ARG A 769 -37.00 14.89 25.78
CA ARG A 769 -36.18 15.98 25.28
C ARG A 769 -34.70 15.59 25.39
N THR A 770 -34.33 14.91 26.46
CA THR A 770 -32.95 14.48 26.64
C THR A 770 -32.58 13.43 25.58
N ALA A 771 -33.53 12.56 25.23
CA ALA A 771 -33.29 11.55 24.22
C ALA A 771 -33.01 12.25 22.88
N ILE A 772 -33.81 13.27 22.58
CA ILE A 772 -33.61 14.02 21.34
C ILE A 772 -32.23 14.67 21.37
N ARG A 773 -31.87 15.26 22.51
CA ARG A 773 -30.56 15.89 22.66
C ARG A 773 -29.43 14.90 22.37
N TYR A 774 -29.48 13.74 23.03
CA TYR A 774 -28.46 12.70 22.84
C TYR A 774 -28.46 12.20 21.40
N TYR A 775 -29.64 12.12 20.79
CA TYR A 775 -29.75 11.64 19.42
C TYR A 775 -28.99 12.55 18.46
N LEU A 776 -29.15 13.86 18.62
CA LEU A 776 -28.45 14.80 17.72
C LEU A 776 -26.94 14.71 17.93
N GLN A 777 -26.52 14.44 19.16
CA GLN A 777 -25.10 14.30 19.45
C GLN A 777 -24.55 13.04 18.78
N MET A 778 -25.29 11.93 18.89
CA MET A 778 -24.85 10.66 18.29
C MET A 778 -24.90 10.74 16.77
N LEU A 779 -25.80 11.58 16.26
CA LEU A 779 -25.96 11.75 14.82
C LEU A 779 -24.87 12.63 14.20
N PHE A 780 -24.36 13.58 14.98
CA PHE A 780 -23.35 14.52 14.49
C PHE A 780 -22.19 13.95 13.66
N PRO A 781 -21.58 12.84 14.10
CA PRO A 781 -20.47 12.32 13.30
C PRO A 781 -20.88 11.83 11.91
N PHE A 782 -22.12 11.40 11.78
CA PHE A 782 -22.62 10.82 10.54
C PHE A 782 -23.26 11.85 9.59
N ALA A 783 -24.22 12.62 10.09
CA ALA A 783 -24.92 13.63 9.30
C ALA A 783 -24.82 14.92 10.11
N PRO A 784 -23.63 15.54 10.12
CA PRO A 784 -23.36 16.78 10.86
C PRO A 784 -24.19 18.01 10.53
N HIS A 785 -24.51 18.22 9.25
CA HIS A 785 -25.27 19.41 8.88
C HIS A 785 -26.67 19.40 9.46
N LEU A 786 -27.40 18.30 9.28
CA LEU A 786 -28.74 18.21 9.82
C LEU A 786 -28.72 18.24 11.34
N ALA A 787 -27.76 17.53 11.95
CA ALA A 787 -27.67 17.49 13.40
C ALA A 787 -27.43 18.90 13.96
N GLU A 788 -26.52 19.65 13.33
CA GLU A 788 -26.23 21.01 13.78
C GLU A 788 -27.45 21.91 13.59
N GLU A 789 -28.15 21.74 12.47
CA GLU A 789 -29.34 22.54 12.18
C GLU A 789 -30.41 22.36 13.25
N LEU A 790 -30.78 21.10 13.53
CA LEU A 790 -31.82 20.81 14.52
C LEU A 790 -31.37 21.20 15.93
N TRP A 791 -30.10 20.99 16.22
CA TRP A 791 -29.55 21.32 17.52
C TRP A 791 -29.80 22.78 17.85
N HIS A 792 -29.61 23.65 16.86
CA HIS A 792 -29.80 25.08 17.07
C HIS A 792 -31.24 25.54 17.26
N TRP A 793 -32.19 24.63 17.07
CA TRP A 793 -33.60 24.97 17.27
C TRP A 793 -33.89 25.04 18.78
N PHE A 794 -33.04 24.39 19.57
CA PHE A 794 -33.25 24.33 21.01
C PHE A 794 -32.08 24.72 21.89
N TRP A 795 -30.86 24.57 21.38
CA TRP A 795 -29.66 24.89 22.16
C TRP A 795 -28.78 25.96 21.51
N PRO A 796 -28.05 26.72 22.35
CA PRO A 796 -27.15 27.81 21.91
C PRO A 796 -25.84 27.47 21.20
N ASP A 797 -25.01 26.66 21.83
CA ASP A 797 -23.72 26.32 21.24
C ASP A 797 -23.73 25.29 20.11
N SER A 798 -22.55 24.98 19.58
CA SER A 798 -22.37 24.02 18.49
C SER A 798 -22.30 22.60 19.07
N LEU A 799 -22.59 21.60 18.25
CA LEU A 799 -22.51 20.23 18.71
C LEU A 799 -21.08 19.85 19.12
N PHE A 800 -20.09 20.54 18.54
CA PHE A 800 -18.68 20.29 18.87
C PHE A 800 -18.39 20.70 20.31
N GLU A 801 -19.24 21.56 20.87
CA GLU A 801 -19.04 22.04 22.23
C GLU A 801 -19.89 21.30 23.25
N ALA A 802 -20.80 20.46 22.77
CA ALA A 802 -21.68 19.71 23.66
C ALA A 802 -21.03 18.47 24.26
N GLY A 803 -19.96 18.00 23.65
CA GLY A 803 -19.30 16.80 24.16
C GLY A 803 -20.02 15.55 23.68
N TRP A 804 -19.65 14.40 24.22
CA TRP A 804 -20.27 13.13 23.87
C TRP A 804 -21.08 12.67 25.08
N PRO A 805 -22.32 12.21 24.85
CA PRO A 805 -23.20 11.76 25.95
C PRO A 805 -22.54 10.74 26.88
N GLU A 806 -22.77 10.91 28.18
CA GLU A 806 -22.20 10.01 29.18
C GLU A 806 -23.11 8.80 29.38
N LEU A 807 -22.54 7.61 29.28
CA LEU A 807 -23.32 6.38 29.43
C LEU A 807 -23.70 6.11 30.88
N ASP A 808 -24.91 5.60 31.07
CA ASP A 808 -25.42 5.26 32.39
C ASP A 808 -25.45 3.74 32.47
N GLU A 809 -24.41 3.17 33.06
CA GLU A 809 -24.30 1.72 33.20
C GLU A 809 -25.51 1.08 33.87
N LYS A 810 -26.01 1.69 34.93
CA LYS A 810 -27.16 1.14 35.65
C LYS A 810 -28.39 1.01 34.75
N ALA A 811 -28.50 1.88 33.77
CA ALA A 811 -29.63 1.85 32.85
C ALA A 811 -29.58 0.61 31.95
N LEU A 812 -28.41 -0.03 31.89
CA LEU A 812 -28.25 -1.21 31.05
C LEU A 812 -28.67 -2.50 31.75
N GLU A 813 -28.70 -2.46 33.08
CA GLU A 813 -29.08 -3.63 33.86
C GLU A 813 -30.51 -4.07 33.57
N LYS A 814 -30.66 -5.33 33.21
CA LYS A 814 -31.97 -5.90 32.89
C LYS A 814 -32.62 -5.17 31.73
#